data_6IQU
#
_entry.id   6IQU
#
_cell.length_a   105.827
_cell.length_b   151.082
_cell.length_c   148.380
_cell.angle_alpha   90.00
_cell.angle_beta   90.00
_cell.angle_gamma   90.00
#
_symmetry.space_group_name_H-M   'C 2 2 21'
#
loop_
_entity.id
_entity.type
_entity.pdbx_description
1 polymer 'Lipoprotein NlpI'
2 polymer 'Tail-specific protease'
3 water water
#
loop_
_entity_poly.entity_id
_entity_poly.type
_entity_poly.pdbx_seq_one_letter_code
_entity_poly.pdbx_strand_id
1 'polypeptide(L)'
;GHMSNTSWRKSEVLAVPLQPTLQQEVILARMEQILASRALTDDERAQLLYERGVLYDSLGLRALARNDFSQALAIRPDMP
EVFNYLGIYLTQAGNFDAAYEAFDSVLELDPTYNYAHLNRGIALYYGGRDKLAQDDLLAFYQDDPNDPFRSLWLYLAEQK
LDEKQAKEVLKQHFEKSDKEQWGWNIVEFYLGNISEQTLMERLKADATDNTSLAEHLSETNFYLGKYYLSLGDLDSATAL
FKLAVANNVHNFVEHRYALLELSLLGQDQDDLAESDQQ
;
A
2 'polypeptide(L)'
;MNMFFRLTALAGLLAIAGQTFAVEDITRADQIPVLKEETQHATVSERVTSRFTRSHYRQFDLDQAFSAKIFDRYLNLLDY
SHNVLLASDVEQFAKKKTELGDELRSGKLDVFYDLYNLAQKRRFERYQYALSVLEKPMDFTGNDTYNLDRSKAPWPKNEA
ELNALWDSKVKFDELSLKLTGKTDKEIRETLTRRYKFAIRRLAQTNSEDVFSLAMTAFAREIDPHTNYLSPRNTEQFNTE
MSLSLEFLEDRAVKMSVKTVGKEKVGVLDIPGFYVGLTDDVKVQLQKLEKQNVSSVIIDLRSNGGGALTEAVSLSGLFIP
AGPIVQVRDNNGKVREDSDTDGQVFYKGPLVVLVDRFSASASEIFAAAMQDYGRALVVGEPTFGKGTVQQYRSLNRIYDQ
MLRPEWPALGSVQYTIQKFYRVNGGSTQRKGVTPDIIMPTGNEETETGEKFEDNALPWDSIDAATYVKSGDLTAFEPELL
KEHNARIAKDPEFQNIMKDIARFNAMKDKRNIVSLNYAVREKENNEDDATRLARLNERFKREGKPELKKLDDLPKDYQEP
DPYLDETVNIALDLAKLEKARPAEQPAPVKHHHHHH
;
B
#
# COMPACT_ATOMS: atom_id res chain seq x y z
N GLU A 12 -25.07 -0.59 45.08
CA GLU A 12 -24.09 0.18 44.25
C GLU A 12 -23.38 1.25 45.08
N VAL A 13 -22.13 1.55 44.70
CA VAL A 13 -21.36 2.78 45.09
C VAL A 13 -21.45 3.79 43.93
N LEU A 14 -22.16 4.90 44.16
CA LEU A 14 -22.45 5.96 43.16
C LEU A 14 -22.03 7.29 43.79
N ALA A 15 -21.47 8.17 42.99
CA ALA A 15 -21.23 9.57 43.34
C ALA A 15 -22.26 10.42 42.62
N VAL A 16 -22.42 11.66 43.04
CA VAL A 16 -23.00 12.72 42.19
C VAL A 16 -22.05 12.84 41.01
N PRO A 17 -22.52 12.68 39.78
CA PRO A 17 -21.75 13.11 38.63
C PRO A 17 -21.16 14.52 38.80
N LEU A 18 -19.87 14.68 38.49
CA LEU A 18 -19.14 15.96 38.63
C LEU A 18 -19.78 16.96 37.67
N GLN A 19 -19.78 18.25 38.04
CA GLN A 19 -20.44 19.35 37.31
C GLN A 19 -19.47 20.51 37.09
N PRO A 20 -19.65 21.35 36.07
CA PRO A 20 -18.70 22.43 35.83
C PRO A 20 -18.56 23.31 37.08
N THR A 21 -17.38 23.38 37.72
CA THR A 21 -17.17 24.27 38.91
C THR A 21 -17.15 25.74 38.47
N LEU A 22 -17.50 26.63 39.39
CA LEU A 22 -17.59 28.10 39.15
C LEU A 22 -16.20 28.64 38.82
N GLN A 23 -15.15 28.08 39.44
CA GLN A 23 -13.77 28.48 39.11
C GLN A 23 -13.63 28.23 37.61
N GLN A 24 -14.02 27.05 37.15
CA GLN A 24 -13.84 26.62 35.73
C GLN A 24 -14.56 27.59 34.81
N GLU A 25 -15.77 28.01 35.19
CA GLU A 25 -16.65 28.81 34.31
C GLU A 25 -16.11 30.24 34.30
N VAL A 26 -15.67 30.73 35.46
CA VAL A 26 -15.09 32.10 35.61
C VAL A 26 -13.86 32.26 34.69
N ILE A 27 -12.89 31.35 34.82
CA ILE A 27 -11.64 31.34 34.01
C ILE A 27 -11.98 31.34 32.51
N LEU A 28 -12.87 30.48 32.06
CA LEU A 28 -13.29 30.48 30.63
C LEU A 28 -13.69 31.89 30.19
N ALA A 29 -14.55 32.57 30.95
CA ALA A 29 -15.07 33.92 30.65
C ALA A 29 -13.93 34.95 30.61
N ARG A 30 -12.97 34.87 31.54
CA ARG A 30 -11.79 35.79 31.60
C ARG A 30 -11.01 35.59 30.28
N MET A 31 -10.53 34.36 30.06
CA MET A 31 -9.72 33.91 28.89
C MET A 31 -10.42 34.38 27.62
N GLU A 32 -11.73 34.10 27.52
CA GLU A 32 -12.61 34.45 26.37
C GLU A 32 -12.39 35.91 25.97
N GLN A 33 -11.77 36.70 26.84
CA GLN A 33 -11.65 38.17 26.66
C GLN A 33 -10.20 38.62 26.73
N ILE A 34 -9.40 38.11 27.66
CA ILE A 34 -7.93 38.26 27.52
C ILE A 34 -7.50 37.89 26.09
N LEU A 35 -8.21 36.98 25.40
CA LEU A 35 -7.88 36.49 24.02
C LEU A 35 -8.56 37.34 22.94
N ALA A 36 -9.59 38.14 23.27
CA ALA A 36 -10.23 39.12 22.35
C ALA A 36 -9.49 40.48 22.39
N SER A 37 -8.95 40.89 23.54
CA SER A 37 -8.00 42.03 23.66
C SER A 37 -6.68 41.65 23.01
N ARG A 38 -6.34 42.29 21.88
CA ARG A 38 -5.06 42.07 21.14
C ARG A 38 -3.95 42.84 21.85
N ALA A 39 -3.48 42.36 23.01
CA ALA A 39 -2.43 43.00 23.84
C ALA A 39 -1.34 41.98 24.15
N LEU A 40 -1.07 41.02 23.24
CA LEU A 40 -0.37 39.74 23.59
C LEU A 40 0.75 39.38 22.61
N THR A 41 1.89 38.89 23.13
CA THR A 41 2.95 38.18 22.33
C THR A 41 2.25 37.13 21.48
N ASP A 42 2.93 36.66 20.42
CA ASP A 42 2.56 35.38 19.77
C ASP A 42 2.77 34.25 20.79
N ASP A 43 3.95 34.17 21.42
CA ASP A 43 4.40 33.08 22.34
C ASP A 43 3.44 32.91 23.52
N GLU A 44 2.83 33.98 24.01
CA GLU A 44 1.93 33.91 25.19
C GLU A 44 0.47 33.81 24.72
N ARG A 45 0.13 34.32 23.52
CA ARG A 45 -1.22 34.05 22.91
C ARG A 45 -1.37 32.54 22.68
N ALA A 46 -0.28 31.91 22.27
CA ALA A 46 -0.18 30.45 22.04
C ALA A 46 -0.21 29.69 23.37
N GLN A 47 0.44 30.19 24.42
CA GLN A 47 0.45 29.53 25.76
C GLN A 47 -0.99 29.52 26.34
N LEU A 48 -1.76 30.58 26.13
CA LEU A 48 -3.10 30.74 26.72
C LEU A 48 -4.08 29.85 25.94
N LEU A 49 -3.96 29.82 24.62
CA LEU A 49 -4.82 28.99 23.75
C LEU A 49 -4.66 27.51 24.14
N TYR A 50 -3.44 27.10 24.47
CA TYR A 50 -3.17 25.77 25.07
C TYR A 50 -3.87 25.66 26.45
N GLU A 51 -3.65 26.65 27.34
CA GLU A 51 -4.23 26.65 28.71
C GLU A 51 -5.75 26.49 28.62
N ARG A 52 -6.38 27.12 27.66
CA ARG A 52 -7.86 27.08 27.51
C ARG A 52 -8.30 25.73 26.93
N GLY A 53 -7.57 25.17 25.99
CA GLY A 53 -7.89 23.82 25.51
C GLY A 53 -7.88 22.81 26.65
N VAL A 54 -6.99 22.99 27.63
CA VAL A 54 -6.90 22.00 28.73
C VAL A 54 -8.15 22.17 29.58
N LEU A 55 -8.59 23.40 29.72
CA LEU A 55 -9.82 23.72 30.48
C LEU A 55 -11.01 23.14 29.70
N TYR A 56 -11.12 23.47 28.42
CA TYR A 56 -12.21 22.96 27.55
C TYR A 56 -12.21 21.43 27.62
N ASP A 57 -11.02 20.82 27.58
CA ASP A 57 -10.86 19.35 27.55
C ASP A 57 -11.37 18.81 28.87
N SER A 58 -11.11 19.50 29.97
CA SER A 58 -11.39 19.01 31.34
C SER A 58 -12.91 19.02 31.54
N LEU A 59 -13.62 19.79 30.70
CA LEU A 59 -15.11 19.93 30.71
C LEU A 59 -15.78 18.94 29.74
N GLY A 60 -15.04 18.28 28.86
CA GLY A 60 -15.63 17.29 27.94
C GLY A 60 -15.86 17.87 26.55
N LEU A 61 -15.35 19.11 26.36
CA LEU A 61 -15.60 19.91 25.13
C LEU A 61 -14.40 19.77 24.17
N ARG A 62 -14.18 18.54 23.66
CA ARG A 62 -12.92 18.17 22.99
C ARG A 62 -12.85 18.92 21.63
N ALA A 63 -13.96 19.09 20.93
CA ALA A 63 -13.96 19.77 19.61
C ALA A 63 -13.45 21.20 19.78
N LEU A 64 -13.89 21.90 20.82
CA LEU A 64 -13.55 23.32 21.06
C LEU A 64 -12.07 23.42 21.48
N ALA A 65 -11.58 22.41 22.21
CA ALA A 65 -10.16 22.33 22.64
C ALA A 65 -9.28 22.02 21.41
N ARG A 66 -9.62 21.02 20.60
CA ARG A 66 -8.95 20.71 19.29
C ARG A 66 -8.79 22.03 18.51
N ASN A 67 -9.83 22.85 18.53
CA ASN A 67 -9.89 24.18 17.88
C ASN A 67 -8.80 25.10 18.46
N ASP A 68 -8.70 25.23 19.79
CA ASP A 68 -7.75 26.17 20.45
C ASP A 68 -6.31 25.64 20.26
N PHE A 69 -6.12 24.32 20.27
CA PHE A 69 -4.82 23.64 20.11
C PHE A 69 -4.29 23.77 18.67
N SER A 70 -5.17 23.64 17.69
CA SER A 70 -4.80 23.90 16.28
C SER A 70 -4.40 25.37 16.11
N GLN A 71 -5.07 26.28 16.82
CA GLN A 71 -4.79 27.74 16.74
C GLN A 71 -3.46 28.02 17.45
N ALA A 72 -3.09 27.20 18.42
CA ALA A 72 -1.81 27.29 19.11
C ALA A 72 -0.67 26.90 18.16
N LEU A 73 -0.81 25.79 17.42
CA LEU A 73 0.30 25.24 16.56
C LEU A 73 0.39 26.00 15.23
N ALA A 74 -0.67 26.67 14.78
CA ALA A 74 -0.61 27.55 13.60
C ALA A 74 0.23 28.79 13.91
N ILE A 75 0.50 29.04 15.19
CA ILE A 75 1.18 30.26 15.72
C ILE A 75 2.57 29.88 16.18
N ARG A 76 2.70 28.82 16.94
CA ARG A 76 4.03 28.29 17.36
C ARG A 76 3.97 26.77 17.21
N PRO A 77 4.53 26.18 16.13
CA PRO A 77 4.50 24.72 15.94
C PRO A 77 5.53 23.93 16.78
N ASP A 78 6.38 24.64 17.52
CA ASP A 78 7.40 24.21 18.52
C ASP A 78 6.82 23.41 19.71
N MET A 79 5.50 23.26 19.92
CA MET A 79 4.90 22.90 21.25
C MET A 79 4.54 21.41 21.37
N PRO A 80 5.33 20.59 22.11
CA PRO A 80 5.05 19.15 22.26
C PRO A 80 3.73 18.86 23.00
N GLU A 81 3.43 19.67 24.02
CA GLU A 81 2.24 19.54 24.89
C GLU A 81 0.96 19.53 24.03
N VAL A 82 0.90 20.39 23.01
CA VAL A 82 -0.29 20.51 22.12
C VAL A 82 -0.39 19.22 21.27
N PHE A 83 0.70 18.71 20.69
CA PHE A 83 0.69 17.46 19.92
C PHE A 83 0.20 16.33 20.84
N ASN A 84 0.56 16.37 22.12
CA ASN A 84 0.03 15.36 23.09
C ASN A 84 -1.49 15.21 22.96
N TYR A 85 -2.25 16.30 23.21
CA TYR A 85 -3.73 16.31 23.14
C TYR A 85 -4.22 15.95 21.72
N LEU A 86 -3.63 16.54 20.69
CA LEU A 86 -4.09 16.28 19.30
C LEU A 86 -4.05 14.76 19.11
N GLY A 87 -2.96 14.13 19.55
CA GLY A 87 -2.79 12.66 19.41
C GLY A 87 -3.86 11.89 20.18
N ILE A 88 -4.14 12.31 21.41
CA ILE A 88 -5.15 11.67 22.28
C ILE A 88 -6.48 11.70 21.52
N TYR A 89 -6.91 12.87 21.04
CA TYR A 89 -8.23 13.02 20.35
C TYR A 89 -8.22 12.07 19.16
N LEU A 90 -7.11 12.02 18.47
CA LEU A 90 -6.97 11.14 17.30
C LEU A 90 -7.13 9.69 17.73
N THR A 91 -6.64 9.31 18.91
CA THR A 91 -6.87 7.96 19.51
C THR A 91 -8.35 7.76 19.88
N GLN A 92 -8.99 8.75 20.50
CA GLN A 92 -10.45 8.71 20.82
C GLN A 92 -11.24 8.51 19.53
N ALA A 93 -10.88 9.18 18.43
CA ALA A 93 -11.61 9.20 17.15
C ALA A 93 -11.48 7.88 16.36
N GLY A 94 -10.53 6.98 16.69
CA GLY A 94 -10.31 5.68 15.98
C GLY A 94 -9.15 5.70 14.96
N ASN A 95 -8.46 6.83 14.86
CA ASN A 95 -7.46 7.12 13.79
C ASN A 95 -6.08 6.98 14.43
N PHE A 96 -5.63 5.73 14.63
CA PHE A 96 -4.37 5.39 15.35
C PHE A 96 -3.16 5.79 14.50
N ASP A 97 -3.22 5.64 13.17
CA ASP A 97 -2.13 6.09 12.27
C ASP A 97 -1.74 7.52 12.63
N ALA A 98 -2.69 8.45 12.63
CA ALA A 98 -2.43 9.89 12.84
C ALA A 98 -1.98 10.13 14.28
N ALA A 99 -2.58 9.38 15.22
CA ALA A 99 -2.19 9.42 16.64
C ALA A 99 -0.67 9.16 16.74
N TYR A 100 -0.19 8.04 16.20
CA TYR A 100 1.25 7.70 16.22
C TYR A 100 2.05 8.89 15.74
N GLU A 101 1.62 9.53 14.65
CA GLU A 101 2.36 10.67 14.03
C GLU A 101 2.50 11.79 15.06
N ALA A 102 1.41 12.08 15.77
CA ALA A 102 1.35 13.21 16.70
C ALA A 102 2.33 12.96 17.86
N PHE A 103 2.28 11.80 18.51
CA PHE A 103 3.14 11.43 19.68
C PHE A 103 4.63 11.38 19.32
N ASP A 104 4.98 10.92 18.11
CA ASP A 104 6.36 11.00 17.55
C ASP A 104 6.85 12.45 17.57
N SER A 105 6.04 13.35 17.01
CA SER A 105 6.26 14.81 17.09
C SER A 105 6.58 15.22 18.54
N VAL A 106 5.78 14.76 19.51
CA VAL A 106 5.93 15.13 20.95
C VAL A 106 7.33 14.73 21.44
N LEU A 107 7.76 13.49 21.19
CA LEU A 107 9.04 12.96 21.71
C LEU A 107 10.21 13.42 20.82
N GLU A 108 9.98 13.85 19.58
CA GLU A 108 11.04 14.59 18.80
C GLU A 108 11.28 16.01 19.36
N LEU A 109 10.26 16.72 19.80
CA LEU A 109 10.39 18.10 20.30
C LEU A 109 10.86 18.06 21.75
N ASP A 110 10.62 16.97 22.45
CA ASP A 110 11.02 16.81 23.88
C ASP A 110 10.99 15.35 24.29
N PRO A 111 12.16 14.66 24.31
CA PRO A 111 12.19 13.20 24.43
C PRO A 111 12.00 12.72 25.88
N THR A 112 11.96 13.63 26.84
CA THR A 112 11.68 13.30 28.26
C THR A 112 10.18 13.43 28.57
N TYR A 113 9.34 13.72 27.57
CA TYR A 113 7.86 13.91 27.69
C TYR A 113 7.19 12.52 27.81
N ASN A 114 7.37 11.91 28.97
CA ASN A 114 7.03 10.51 29.37
C ASN A 114 5.59 10.18 29.01
N TYR A 115 4.64 11.06 29.38
CA TYR A 115 3.19 10.83 29.17
C TYR A 115 2.88 10.64 27.66
N ALA A 116 3.74 11.09 26.73
CA ALA A 116 3.66 10.70 25.30
C ALA A 116 3.78 9.17 25.15
N HIS A 117 4.61 8.52 25.97
CA HIS A 117 4.84 7.05 25.93
C HIS A 117 3.53 6.36 26.30
N LEU A 118 2.88 6.77 27.39
CA LEU A 118 1.58 6.17 27.81
C LEU A 118 0.56 6.32 26.68
N ASN A 119 0.36 7.55 26.23
CA ASN A 119 -0.67 7.87 25.18
C ASN A 119 -0.34 7.12 23.88
N ARG A 120 0.91 7.13 23.41
CA ARG A 120 1.27 6.38 22.19
C ARG A 120 1.05 4.87 22.41
N GLY A 121 1.42 4.35 23.59
CA GLY A 121 1.28 2.94 23.98
C GLY A 121 -0.16 2.48 23.98
N ILE A 122 -1.04 3.27 24.57
CA ILE A 122 -2.51 3.04 24.59
C ILE A 122 -3.00 3.05 23.13
N ALA A 123 -2.56 4.04 22.35
CA ALA A 123 -3.01 4.28 20.96
C ALA A 123 -2.68 3.05 20.10
N LEU A 124 -1.47 2.52 20.26
CA LEU A 124 -0.99 1.28 19.59
C LEU A 124 -1.76 0.07 20.09
N TYR A 125 -2.26 0.11 21.33
CA TYR A 125 -3.01 -0.98 21.99
C TYR A 125 -4.36 -1.14 21.29
N TYR A 126 -5.03 -0.02 21.04
CA TYR A 126 -6.39 0.08 20.40
C TYR A 126 -6.21 -0.17 18.89
N GLY A 127 -4.98 -0.07 18.42
CA GLY A 127 -4.61 -0.12 16.99
C GLY A 127 -3.99 -1.44 16.58
N GLY A 128 -4.06 -2.44 17.44
CA GLY A 128 -3.78 -3.86 17.10
C GLY A 128 -2.31 -4.22 17.18
N ARG A 129 -1.44 -3.24 17.52
CA ARG A 129 0.04 -3.41 17.61
C ARG A 129 0.48 -3.56 19.08
N ASP A 130 0.25 -4.74 19.65
CA ASP A 130 0.58 -5.09 21.06
C ASP A 130 2.09 -5.00 21.33
N LYS A 131 2.93 -5.76 20.64
CA LYS A 131 4.40 -5.77 20.89
C LYS A 131 4.86 -4.32 20.87
N LEU A 132 4.43 -3.50 19.92
CA LEU A 132 4.92 -2.10 19.88
C LEU A 132 4.38 -1.32 21.08
N ALA A 133 3.15 -1.62 21.50
CA ALA A 133 2.54 -1.02 22.70
C ALA A 133 3.37 -1.35 23.96
N GLN A 134 3.78 -2.63 24.13
CA GLN A 134 4.58 -3.12 25.30
C GLN A 134 5.83 -2.28 25.44
N ASP A 135 6.55 -2.01 24.35
CA ASP A 135 7.83 -1.26 24.42
C ASP A 135 7.56 0.09 25.13
N ASP A 136 6.52 0.80 24.70
CA ASP A 136 6.13 2.15 25.17
C ASP A 136 5.64 2.12 26.62
N LEU A 137 4.81 1.14 26.93
CA LEU A 137 4.14 1.01 28.25
C LEU A 137 5.17 0.60 29.32
N LEU A 138 6.18 -0.15 28.92
CA LEU A 138 7.32 -0.55 29.78
C LEU A 138 8.28 0.63 29.99
N ALA A 139 8.56 1.46 28.98
CA ALA A 139 9.33 2.72 29.11
C ALA A 139 8.67 3.63 30.14
N PHE A 140 7.34 3.74 30.05
CA PHE A 140 6.51 4.59 30.93
C PHE A 140 6.44 3.92 32.32
N TYR A 141 6.47 2.59 32.42
CA TYR A 141 6.48 1.90 33.74
C TYR A 141 7.74 2.30 34.50
N GLN A 142 8.86 2.04 33.86
CA GLN A 142 10.24 2.28 34.33
C GLN A 142 10.49 3.76 34.64
N ASP A 143 9.59 4.65 34.22
CA ASP A 143 9.75 6.09 34.56
C ASP A 143 9.27 6.28 36.01
N ASP A 144 8.43 5.39 36.54
CA ASP A 144 7.79 5.49 37.89
C ASP A 144 7.12 4.15 38.27
N PRO A 145 7.88 3.17 38.79
CA PRO A 145 7.32 1.85 39.08
C PRO A 145 6.35 1.78 40.26
N ASN A 146 6.19 2.88 40.98
CA ASN A 146 5.27 2.97 42.15
C ASN A 146 3.84 3.32 41.69
N ASP A 147 3.70 4.00 40.55
CA ASP A 147 2.37 4.35 39.98
C ASP A 147 1.65 3.09 39.47
N PRO A 148 0.59 2.63 40.15
CA PRO A 148 0.01 1.32 39.85
C PRO A 148 -0.65 1.21 38.49
N PHE A 149 -0.99 2.35 37.88
CA PHE A 149 -1.75 2.38 36.59
C PHE A 149 -0.80 2.11 35.43
N ARG A 150 0.47 2.38 35.64
CA ARG A 150 1.52 2.11 34.64
C ARG A 150 1.68 0.60 34.49
N SER A 151 1.47 -0.14 35.58
CA SER A 151 1.51 -1.62 35.65
C SER A 151 0.23 -2.17 34.99
N LEU A 152 -0.88 -1.48 35.25
CA LEU A 152 -2.21 -1.90 34.81
C LEU A 152 -2.27 -1.78 33.28
N TRP A 153 -1.80 -0.68 32.71
CA TRP A 153 -1.86 -0.48 31.25
C TRP A 153 -0.97 -1.53 30.57
N LEU A 154 0.21 -1.75 31.09
CA LEU A 154 1.17 -2.76 30.56
C LEU A 154 0.50 -4.15 30.63
N TYR A 155 -0.20 -4.47 31.72
CA TYR A 155 -0.91 -5.77 31.92
C TYR A 155 -1.87 -5.98 30.76
N LEU A 156 -2.80 -5.03 30.54
CA LEU A 156 -3.85 -5.02 29.46
C LEU A 156 -3.23 -5.36 28.09
N ALA A 157 -2.06 -4.78 27.80
CA ALA A 157 -1.29 -4.89 26.54
C ALA A 157 -0.63 -6.28 26.38
N GLU A 158 -0.10 -6.86 27.48
CA GLU A 158 0.50 -8.22 27.61
C GLU A 158 -0.65 -9.25 27.61
N GLN A 159 -1.71 -9.04 28.39
CA GLN A 159 -2.72 -10.12 28.69
C GLN A 159 -3.39 -10.55 27.38
N LYS A 160 -3.11 -9.85 26.27
CA LYS A 160 -3.70 -10.13 24.94
C LYS A 160 -2.97 -11.29 24.25
N LEU A 161 -1.66 -11.38 24.39
CA LEU A 161 -0.79 -12.44 23.77
C LEU A 161 -0.57 -13.56 24.79
N ASP A 162 -0.16 -13.21 26.01
CA ASP A 162 0.14 -14.17 27.09
C ASP A 162 -0.42 -13.66 28.44
N GLU A 163 -1.60 -14.14 28.81
CA GLU A 163 -2.26 -13.87 30.12
C GLU A 163 -1.36 -14.39 31.25
N LYS A 164 -0.86 -15.61 31.11
CA LYS A 164 -0.06 -16.27 32.17
C LYS A 164 1.13 -15.37 32.55
N GLN A 165 1.86 -14.88 31.56
CA GLN A 165 3.05 -14.02 31.76
C GLN A 165 2.61 -12.66 32.30
N ALA A 166 1.62 -12.05 31.66
CA ALA A 166 1.09 -10.73 32.05
C ALA A 166 0.85 -10.64 33.57
N LYS A 167 0.26 -11.72 34.12
CA LYS A 167 -0.10 -11.92 35.55
C LYS A 167 1.16 -12.04 36.41
N GLU A 168 2.08 -12.95 36.07
CA GLU A 168 3.38 -13.09 36.80
C GLU A 168 4.09 -11.72 36.85
N VAL A 169 4.09 -10.96 35.76
CA VAL A 169 4.79 -9.63 35.65
C VAL A 169 4.08 -8.59 36.51
N LEU A 170 2.76 -8.53 36.43
CA LEU A 170 1.99 -7.63 37.34
C LEU A 170 2.34 -7.94 38.81
N LYS A 171 2.20 -9.20 39.22
CA LYS A 171 2.59 -9.73 40.55
C LYS A 171 3.96 -9.17 40.96
N GLN A 172 5.00 -9.32 40.14
CA GLN A 172 6.34 -8.73 40.41
C GLN A 172 6.21 -7.22 40.58
N HIS A 173 5.62 -6.51 39.61
CA HIS A 173 5.52 -5.02 39.62
C HIS A 173 4.96 -4.56 40.97
N PHE A 174 3.99 -5.32 41.49
CA PHE A 174 3.26 -5.08 42.76
C PHE A 174 4.17 -5.39 43.94
N GLU A 175 4.76 -6.60 43.97
CA GLU A 175 5.67 -7.08 45.04
C GLU A 175 6.80 -6.07 45.26
N LYS A 176 7.45 -5.58 44.19
CA LYS A 176 8.66 -4.73 44.29
C LYS A 176 8.30 -3.25 44.45
N SER A 177 7.03 -2.86 44.33
CA SER A 177 6.54 -1.47 44.59
C SER A 177 6.32 -1.28 46.09
N ASP A 178 6.08 -0.05 46.57
CA ASP A 178 5.83 0.22 48.00
C ASP A 178 4.36 -0.03 48.36
N LYS A 179 3.50 -0.35 47.40
CA LYS A 179 2.08 -0.76 47.64
C LYS A 179 1.29 0.34 48.36
N GLU A 180 1.65 1.62 48.19
CA GLU A 180 1.04 2.77 48.90
C GLU A 180 -0.22 3.31 48.20
N GLN A 181 -0.14 3.66 46.92
CA GLN A 181 -1.18 4.49 46.26
C GLN A 181 -2.42 3.61 45.98
N TRP A 182 -3.61 4.20 45.99
CA TRP A 182 -4.92 3.47 45.99
C TRP A 182 -4.88 2.37 44.91
N GLY A 183 -4.52 2.77 43.68
CA GLY A 183 -4.55 1.94 42.45
C GLY A 183 -4.10 0.49 42.66
N TRP A 184 -3.25 0.21 43.65
CA TRP A 184 -2.69 -1.15 43.84
C TRP A 184 -3.81 -2.10 44.29
N ASN A 185 -4.91 -1.56 44.78
CA ASN A 185 -6.07 -2.40 45.20
C ASN A 185 -6.70 -2.98 43.93
N ILE A 186 -6.76 -2.20 42.84
CA ILE A 186 -7.32 -2.67 41.53
C ILE A 186 -6.43 -3.83 41.08
N VAL A 187 -5.12 -3.55 41.08
CA VAL A 187 -4.04 -4.52 40.73
C VAL A 187 -4.24 -5.80 41.54
N GLU A 188 -4.51 -5.68 42.84
CA GLU A 188 -4.62 -6.84 43.77
C GLU A 188 -5.81 -7.72 43.40
N PHE A 189 -6.85 -7.15 42.81
CA PHE A 189 -8.08 -7.89 42.42
C PHE A 189 -7.85 -8.62 41.08
N TYR A 190 -7.15 -7.97 40.16
CA TYR A 190 -6.67 -8.59 38.87
C TYR A 190 -5.86 -9.84 39.22
N LEU A 191 -5.08 -9.77 40.30
CA LEU A 191 -4.15 -10.86 40.75
C LEU A 191 -4.92 -11.95 41.51
N GLY A 192 -6.16 -11.73 41.89
CA GLY A 192 -6.92 -12.76 42.62
C GLY A 192 -6.71 -12.71 44.12
N ASN A 193 -5.96 -11.74 44.66
CA ASN A 193 -5.72 -11.61 46.13
C ASN A 193 -6.98 -11.21 46.92
N ILE A 194 -7.85 -10.39 46.34
CA ILE A 194 -9.00 -9.74 47.04
C ILE A 194 -10.21 -9.84 46.11
N SER A 195 -11.40 -10.06 46.66
CA SER A 195 -12.65 -10.13 45.87
C SER A 195 -13.00 -8.73 45.42
N GLU A 196 -13.96 -8.62 44.51
CA GLU A 196 -14.50 -7.34 43.99
C GLU A 196 -15.30 -6.67 45.13
N GLN A 197 -16.01 -7.48 45.93
CA GLN A 197 -16.60 -7.13 47.26
C GLN A 197 -15.58 -6.31 48.04
N THR A 198 -14.46 -6.90 48.45
CA THR A 198 -13.41 -6.16 49.21
C THR A 198 -12.94 -4.92 48.44
N LEU A 199 -12.75 -5.03 47.11
CA LEU A 199 -12.19 -3.94 46.27
C LEU A 199 -13.01 -2.68 46.50
N MET A 200 -14.33 -2.83 46.48
CA MET A 200 -15.28 -1.70 46.63
C MET A 200 -15.36 -1.26 48.11
N GLU A 201 -15.28 -2.18 49.10
CA GLU A 201 -15.18 -1.82 50.56
C GLU A 201 -14.03 -0.82 50.71
N ARG A 202 -12.87 -1.12 50.11
CA ARG A 202 -11.65 -0.30 50.25
C ARG A 202 -11.84 1.00 49.48
N LEU A 203 -12.60 1.00 48.36
CA LEU A 203 -12.92 2.23 47.58
C LEU A 203 -13.64 3.23 48.51
N LYS A 204 -14.76 2.82 49.13
CA LYS A 204 -15.58 3.65 50.06
C LYS A 204 -14.64 4.24 51.13
N ALA A 205 -13.99 3.36 51.91
CA ALA A 205 -12.89 3.68 52.85
C ALA A 205 -11.88 4.72 52.30
N ASP A 206 -11.37 4.60 51.08
CA ASP A 206 -10.28 5.49 50.61
C ASP A 206 -10.81 6.86 50.16
N ALA A 207 -12.07 6.93 49.72
CA ALA A 207 -12.71 8.15 49.17
C ALA A 207 -13.00 9.12 50.31
N THR A 208 -12.97 10.42 50.07
CA THR A 208 -13.03 11.44 51.14
C THR A 208 -14.25 12.29 50.89
N ASP A 209 -14.26 13.04 49.78
CA ASP A 209 -15.44 13.82 49.35
C ASP A 209 -15.97 13.22 48.05
N ASN A 210 -16.95 13.86 47.44
CA ASN A 210 -17.65 13.35 46.24
C ASN A 210 -16.70 13.46 45.03
N THR A 211 -15.90 14.53 44.95
CA THR A 211 -14.97 14.67 43.79
C THR A 211 -13.99 13.49 43.82
N SER A 212 -13.52 13.10 45.00
CA SER A 212 -12.63 11.95 45.22
C SER A 212 -13.38 10.66 44.88
N LEU A 213 -14.63 10.53 45.30
CA LEU A 213 -15.42 9.30 45.08
C LEU A 213 -15.58 9.09 43.57
N ALA A 214 -15.99 10.10 42.80
CA ALA A 214 -16.10 10.10 41.32
C ALA A 214 -14.80 9.61 40.65
N GLU A 215 -13.66 10.12 41.08
CA GLU A 215 -12.31 9.76 40.54
C GLU A 215 -12.06 8.29 40.81
N HIS A 216 -12.28 7.85 42.04
CA HIS A 216 -12.11 6.41 42.41
C HIS A 216 -13.01 5.57 41.52
N LEU A 217 -14.27 5.95 41.33
CA LEU A 217 -15.24 5.18 40.51
C LEU A 217 -14.89 5.22 39.00
N SER A 218 -14.42 6.36 38.46
CA SER A 218 -14.04 6.48 37.03
C SER A 218 -13.01 5.39 36.76
N GLU A 219 -11.95 5.36 37.56
CA GLU A 219 -10.81 4.42 37.40
C GLU A 219 -11.35 3.00 37.57
N THR A 220 -11.87 2.68 38.73
CA THR A 220 -12.14 1.28 39.12
C THR A 220 -13.20 0.67 38.20
N ASN A 221 -14.16 1.46 37.71
CA ASN A 221 -15.20 0.92 36.80
C ASN A 221 -14.53 0.57 35.47
N PHE A 222 -13.60 1.37 34.95
CA PHE A 222 -12.93 1.08 33.66
C PHE A 222 -12.14 -0.25 33.75
N TYR A 223 -11.39 -0.46 34.83
CA TYR A 223 -10.49 -1.64 35.00
C TYR A 223 -11.36 -2.88 35.26
N LEU A 224 -12.37 -2.79 36.12
CA LEU A 224 -13.40 -3.87 36.26
C LEU A 224 -14.04 -4.16 34.89
N GLY A 225 -14.30 -3.09 34.12
CA GLY A 225 -14.89 -3.14 32.78
C GLY A 225 -14.03 -3.97 31.86
N LYS A 226 -12.76 -3.59 31.77
CA LYS A 226 -11.75 -4.29 30.92
C LYS A 226 -11.68 -5.75 31.37
N TYR A 227 -11.66 -5.98 32.69
CA TYR A 227 -11.58 -7.33 33.32
C TYR A 227 -12.70 -8.25 32.82
N TYR A 228 -13.95 -7.83 33.01
CA TYR A 228 -15.12 -8.64 32.60
C TYR A 228 -15.10 -8.88 31.09
N LEU A 229 -14.77 -7.86 30.28
CA LEU A 229 -14.64 -7.99 28.81
C LEU A 229 -13.69 -9.14 28.44
N SER A 230 -12.55 -9.35 29.15
CA SER A 230 -11.65 -10.56 29.09
C SER A 230 -12.45 -11.86 29.09
N LEU A 231 -13.39 -11.97 30.01
CA LEU A 231 -14.13 -13.23 30.21
C LEU A 231 -15.16 -13.36 29.09
N GLY A 232 -15.33 -12.29 28.30
CA GLY A 232 -16.33 -12.13 27.23
C GLY A 232 -17.69 -11.77 27.80
N ASP A 233 -17.74 -11.14 28.97
CA ASP A 233 -19.03 -10.68 29.55
C ASP A 233 -19.31 -9.27 29.01
N LEU A 234 -19.84 -9.14 27.79
CA LEU A 234 -20.12 -7.82 27.13
C LEU A 234 -21.12 -7.04 27.98
N ASP A 235 -22.08 -7.71 28.61
CA ASP A 235 -23.16 -7.03 29.36
C ASP A 235 -22.56 -6.32 30.59
N SER A 236 -21.70 -6.99 31.34
CA SER A 236 -21.15 -6.42 32.60
C SER A 236 -20.16 -5.32 32.24
N ALA A 237 -19.27 -5.59 31.28
CA ALA A 237 -18.35 -4.62 30.63
C ALA A 237 -19.10 -3.34 30.28
N THR A 238 -20.17 -3.46 29.49
CA THR A 238 -20.98 -2.33 29.00
C THR A 238 -21.52 -1.50 30.19
N ALA A 239 -22.16 -2.16 31.13
CA ALA A 239 -22.69 -1.52 32.34
C ALA A 239 -21.54 -0.73 33.01
N LEU A 240 -20.34 -1.32 33.08
CA LEU A 240 -19.26 -0.80 33.94
C LEU A 240 -18.58 0.38 33.26
N PHE A 241 -18.39 0.28 31.96
CA PHE A 241 -17.94 1.41 31.10
C PHE A 241 -18.90 2.62 31.22
N LYS A 242 -20.18 2.40 31.02
CA LYS A 242 -21.22 3.44 31.19
C LYS A 242 -21.12 4.10 32.59
N LEU A 243 -21.01 3.31 33.65
CA LEU A 243 -20.90 3.77 35.07
C LEU A 243 -19.56 4.50 35.29
N ALA A 244 -18.47 4.02 34.68
CA ALA A 244 -17.18 4.73 34.66
C ALA A 244 -17.36 6.12 34.05
N VAL A 245 -18.00 6.21 32.88
CA VAL A 245 -18.21 7.50 32.16
C VAL A 245 -19.20 8.36 32.97
N ALA A 246 -20.00 7.76 33.85
CA ALA A 246 -21.16 8.48 34.46
C ALA A 246 -20.67 9.46 35.54
N ASN A 247 -19.39 9.44 35.87
CA ASN A 247 -18.77 10.34 36.88
C ASN A 247 -18.31 11.67 36.25
N ASN A 248 -18.44 11.89 34.93
CA ASN A 248 -17.89 13.03 34.13
C ASN A 248 -16.50 13.50 34.64
N VAL A 249 -15.56 12.56 34.83
CA VAL A 249 -14.12 12.88 35.08
C VAL A 249 -13.46 12.94 33.70
N HIS A 250 -13.86 13.94 32.92
CA HIS A 250 -13.72 13.99 31.45
C HIS A 250 -12.28 13.72 30.97
N ASN A 251 -11.26 14.08 31.75
CA ASN A 251 -9.84 14.12 31.29
C ASN A 251 -8.99 12.98 31.89
N PHE A 252 -9.57 12.08 32.69
CA PHE A 252 -9.05 10.73 33.00
C PHE A 252 -9.01 9.83 31.74
N VAL A 253 -7.82 9.26 31.46
CA VAL A 253 -7.65 8.22 30.41
C VAL A 253 -8.76 7.16 30.56
N GLU A 254 -9.08 6.70 31.76
CA GLU A 254 -10.14 5.68 31.92
C GLU A 254 -11.46 6.18 31.34
N HIS A 255 -11.82 7.46 31.52
CA HIS A 255 -13.04 8.07 30.94
C HIS A 255 -12.97 7.94 29.40
N ARG A 256 -11.94 8.55 28.81
CA ARG A 256 -11.78 8.59 27.35
C ARG A 256 -11.94 7.17 26.82
N TYR A 257 -11.32 6.17 27.47
CA TYR A 257 -11.15 4.81 26.90
C TYR A 257 -12.31 3.92 27.31
N ALA A 258 -13.07 4.26 28.34
CA ALA A 258 -14.38 3.63 28.58
C ALA A 258 -15.35 4.05 27.48
N LEU A 259 -15.18 5.26 26.92
CA LEU A 259 -16.06 5.73 25.81
C LEU A 259 -15.71 4.99 24.52
N LEU A 260 -14.42 4.87 24.23
CA LEU A 260 -13.90 4.16 23.03
C LEU A 260 -14.34 2.70 23.12
N GLU A 261 -14.09 2.07 24.26
CA GLU A 261 -14.56 0.67 24.56
C GLU A 261 -16.04 0.53 24.22
N LEU A 262 -16.85 1.43 24.80
CA LEU A 262 -18.31 1.48 24.55
C LEU A 262 -18.60 1.63 23.04
N SER A 263 -17.84 2.50 22.35
CA SER A 263 -17.99 2.72 20.88
C SER A 263 -17.67 1.44 20.08
N LEU A 264 -16.62 0.69 20.42
CA LEU A 264 -16.31 -0.62 19.75
C LEU A 264 -17.39 -1.64 20.10
N LEU A 265 -18.14 -1.50 21.19
CA LEU A 265 -19.22 -2.45 21.54
C LEU A 265 -20.52 -2.03 20.83
N GLY A 266 -20.73 -0.73 20.58
CA GLY A 266 -21.76 -0.23 19.65
C GLY A 266 -21.27 -0.23 18.20
N GLN A 267 -20.47 -1.24 17.83
CA GLN A 267 -20.00 -1.58 16.44
C GLN A 267 -19.89 -3.12 16.25
N ASP A 268 -20.05 -3.93 17.31
CA ASP A 268 -20.29 -5.41 17.30
C ASP A 268 -21.75 -5.68 16.94
N GLN A 269 -22.71 -5.00 17.59
CA GLN A 269 -24.18 -5.21 17.44
C GLN A 269 -24.70 -4.72 16.07
N ASP A 270 -23.97 -3.84 15.38
CA ASP A 270 -24.40 -3.18 14.12
C ASP A 270 -24.11 -4.16 12.98
N THR B 27 36.19 11.61 -16.43
CA THR B 27 36.68 10.74 -15.30
C THR B 27 37.72 9.78 -15.90
N ARG B 28 38.94 9.77 -15.38
CA ARG B 28 39.97 8.84 -15.89
C ARG B 28 40.29 7.81 -14.81
N ALA B 29 40.00 8.09 -13.54
CA ALA B 29 40.38 7.21 -12.42
C ALA B 29 39.32 7.24 -11.32
N ASP B 30 39.68 6.88 -10.07
CA ASP B 30 38.86 6.98 -8.83
C ASP B 30 38.81 8.44 -8.32
N GLN B 31 38.16 9.26 -9.13
CA GLN B 31 37.84 10.69 -8.89
C GLN B 31 36.30 10.71 -8.93
N ILE B 32 35.71 9.59 -8.51
CA ILE B 32 34.24 9.43 -8.26
C ILE B 32 34.00 9.95 -6.86
N PRO B 33 33.06 10.88 -6.61
CA PRO B 33 32.91 11.43 -5.26
C PRO B 33 32.51 10.34 -4.23
N VAL B 34 33.13 10.28 -3.04
CA VAL B 34 32.64 9.38 -1.94
C VAL B 34 31.30 9.92 -1.37
N LEU B 35 30.21 9.17 -1.53
CA LEU B 35 28.85 9.64 -1.12
C LEU B 35 28.66 9.46 0.39
N LYS B 36 28.10 10.49 1.04
CA LYS B 36 27.86 10.58 2.51
C LYS B 36 26.36 10.83 2.76
N GLU B 37 25.84 10.30 3.88
CA GLU B 37 24.47 10.54 4.38
C GLU B 37 24.33 12.00 4.78
N GLU B 38 23.30 12.70 4.28
CA GLU B 38 23.02 14.14 4.56
C GLU B 38 22.41 14.30 5.96
N THR B 39 22.47 15.52 6.59
CA THR B 39 21.99 15.82 7.98
C THR B 39 20.54 15.33 8.14
N GLN B 40 19.68 15.68 7.18
CA GLN B 40 18.21 15.44 7.25
C GLN B 40 17.94 13.93 7.29
N HIS B 41 18.74 13.13 6.59
CA HIS B 41 18.45 11.71 6.25
C HIS B 41 18.22 10.83 7.47
N ALA B 42 19.03 10.95 8.53
CA ALA B 42 18.86 10.14 9.78
C ALA B 42 17.41 10.26 10.23
N THR B 43 16.96 11.50 10.37
CA THR B 43 15.54 11.80 10.71
C THR B 43 14.61 11.15 9.68
N VAL B 44 14.85 11.37 8.39
CA VAL B 44 13.87 10.96 7.33
C VAL B 44 13.69 9.44 7.42
N SER B 45 14.79 8.69 7.58
CA SER B 45 14.81 7.22 7.83
C SER B 45 13.92 6.83 9.02
N GLU B 46 14.06 7.51 10.16
CA GLU B 46 13.32 7.23 11.41
C GLU B 46 11.82 7.38 11.16
N ARG B 47 11.45 8.40 10.38
CA ARG B 47 10.05 8.76 10.02
C ARG B 47 9.46 7.67 9.11
N VAL B 48 10.21 7.26 8.10
CA VAL B 48 9.82 6.15 7.19
C VAL B 48 9.60 4.89 8.03
N THR B 49 10.56 4.52 8.86
CA THR B 49 10.49 3.30 9.68
C THR B 49 9.25 3.35 10.56
N SER B 50 9.00 4.47 11.22
CA SER B 50 7.81 4.65 12.10
C SER B 50 6.55 4.24 11.36
N ARG B 51 6.31 4.80 10.17
CA ARG B 51 5.06 4.59 9.38
C ARG B 51 4.99 3.14 8.90
N PHE B 52 6.07 2.59 8.35
CA PHE B 52 6.07 1.21 7.78
C PHE B 52 5.81 0.21 8.91
N THR B 53 6.53 0.33 10.03
CA THR B 53 6.50 -0.63 11.15
C THR B 53 5.17 -0.54 11.92
N ARG B 54 4.38 0.52 11.78
CA ARG B 54 3.16 0.73 12.66
C ARG B 54 1.85 0.78 11.86
N SER B 55 1.83 1.44 10.70
CA SER B 55 0.59 1.89 10.00
C SER B 55 0.37 1.13 8.69
N HIS B 56 1.21 0.15 8.37
CA HIS B 56 1.11 -0.63 7.11
C HIS B 56 0.04 -1.73 7.26
N TYR B 57 -0.79 -2.00 6.26
CA TYR B 57 -1.73 -3.16 6.30
C TYR B 57 -0.98 -4.44 6.73
N ARG B 58 0.22 -4.61 6.18
CA ARG B 58 1.09 -5.74 6.52
C ARG B 58 1.74 -5.50 7.87
N GLN B 59 1.43 -6.40 8.83
CA GLN B 59 2.06 -6.48 10.17
C GLN B 59 3.29 -7.36 10.12
N PHE B 60 4.47 -6.75 10.15
CA PHE B 60 5.77 -7.45 10.06
C PHE B 60 6.62 -7.00 11.25
N ASP B 61 7.60 -7.78 11.67
CA ASP B 61 8.63 -7.34 12.64
C ASP B 61 9.86 -6.93 11.86
N LEU B 62 10.39 -5.71 12.06
CA LEU B 62 11.70 -5.32 11.51
C LEU B 62 12.78 -5.98 12.38
N ASP B 63 12.83 -7.32 12.31
CA ASP B 63 13.79 -8.19 13.05
C ASP B 63 15.00 -8.55 12.17
N GLN B 64 15.77 -9.54 12.59
CA GLN B 64 17.02 -9.90 11.89
C GLN B 64 16.63 -10.51 10.53
N ALA B 65 15.64 -11.42 10.49
CA ALA B 65 15.19 -12.11 9.25
C ALA B 65 14.75 -11.08 8.21
N PHE B 66 14.03 -10.06 8.64
CA PHE B 66 13.50 -9.01 7.75
C PHE B 66 14.70 -8.20 7.24
N SER B 67 15.60 -7.76 8.10
CA SER B 67 16.75 -6.90 7.69
C SER B 67 17.70 -7.68 6.77
N ALA B 68 17.86 -8.98 6.98
CA ALA B 68 18.58 -9.89 6.05
C ALA B 68 17.91 -9.89 4.65
N LYS B 69 16.57 -9.90 4.60
CA LYS B 69 15.85 -9.93 3.30
C LYS B 69 15.95 -8.56 2.63
N ILE B 70 15.84 -7.49 3.40
CA ILE B 70 16.14 -6.09 2.95
C ILE B 70 17.57 -6.01 2.38
N PHE B 71 18.58 -6.69 2.94
CA PHE B 71 19.97 -6.77 2.38
C PHE B 71 19.98 -7.35 0.94
N ASP B 72 19.38 -8.53 0.74
CA ASP B 72 19.46 -9.27 -0.54
C ASP B 72 18.79 -8.45 -1.65
N ARG B 73 17.64 -7.88 -1.33
CA ARG B 73 16.93 -6.95 -2.24
C ARG B 73 17.85 -5.78 -2.58
N TYR B 74 18.53 -5.20 -1.56
CA TYR B 74 19.41 -4.03 -1.75
C TYR B 74 20.55 -4.40 -2.72
N LEU B 75 21.19 -5.57 -2.57
CA LEU B 75 22.23 -6.06 -3.53
C LEU B 75 21.62 -6.13 -4.92
N ASN B 76 20.50 -6.82 -5.06
CA ASN B 76 19.79 -6.92 -6.36
C ASN B 76 19.47 -5.52 -6.92
N LEU B 77 19.41 -4.47 -6.11
CA LEU B 77 19.17 -3.12 -6.66
C LEU B 77 20.51 -2.52 -7.09
N LEU B 78 21.62 -2.78 -6.38
CA LEU B 78 22.98 -2.30 -6.79
C LEU B 78 23.45 -3.08 -8.00
N ASP B 79 23.46 -4.42 -7.89
CA ASP B 79 23.99 -5.31 -8.96
C ASP B 79 22.90 -6.23 -9.53
N TYR B 80 22.01 -5.68 -10.36
CA TYR B 80 20.81 -6.42 -10.87
C TYR B 80 21.22 -7.82 -11.41
N SER B 81 22.18 -7.85 -12.34
CA SER B 81 22.69 -9.03 -13.09
C SER B 81 23.87 -9.71 -12.38
N HIS B 82 24.20 -9.38 -11.14
CA HIS B 82 25.27 -10.06 -10.35
C HIS B 82 26.62 -9.97 -11.12
N ASN B 83 26.94 -8.77 -11.61
CA ASN B 83 27.95 -8.45 -12.67
C ASN B 83 29.15 -7.66 -12.17
N VAL B 84 28.96 -6.82 -11.16
CA VAL B 84 29.83 -5.67 -10.79
C VAL B 84 30.65 -5.99 -9.55
N LEU B 85 30.03 -6.61 -8.55
CA LEU B 85 30.67 -7.00 -7.27
C LEU B 85 31.36 -8.37 -7.36
N LEU B 86 32.49 -8.52 -6.69
CA LEU B 86 33.07 -9.86 -6.33
C LEU B 86 32.16 -10.56 -5.32
N ALA B 87 32.04 -11.88 -5.40
CA ALA B 87 31.49 -12.73 -4.30
C ALA B 87 32.09 -12.32 -2.93
N SER B 88 33.38 -12.01 -2.84
CA SER B 88 34.03 -11.55 -1.59
C SER B 88 33.48 -10.18 -1.18
N ASP B 89 33.13 -9.33 -2.13
CA ASP B 89 32.51 -8.03 -1.76
C ASP B 89 31.21 -8.33 -1.01
N VAL B 90 30.44 -9.28 -1.54
CA VAL B 90 29.11 -9.63 -1.02
C VAL B 90 29.27 -10.34 0.34
N GLU B 91 30.13 -11.38 0.45
CA GLU B 91 30.29 -12.20 1.69
C GLU B 91 30.80 -11.33 2.86
N GLN B 92 31.45 -10.21 2.58
CA GLN B 92 32.06 -9.30 3.60
C GLN B 92 30.98 -8.44 4.27
N PHE B 93 30.23 -7.70 3.47
CA PHE B 93 29.07 -6.88 3.90
C PHE B 93 27.98 -7.77 4.46
N ALA B 94 27.84 -9.02 3.98
CA ALA B 94 26.73 -9.96 4.33
C ALA B 94 26.81 -10.34 5.80
N LYS B 95 28.03 -10.36 6.35
CA LYS B 95 28.31 -10.52 7.81
C LYS B 95 27.45 -9.54 8.62
N LYS B 96 26.98 -8.44 8.04
CA LYS B 96 26.44 -7.24 8.75
C LYS B 96 24.98 -6.95 8.36
N LYS B 97 24.27 -7.94 7.79
CA LYS B 97 22.93 -7.77 7.16
C LYS B 97 21.80 -7.85 8.21
N THR B 98 22.01 -8.48 9.36
CA THR B 98 20.95 -8.50 10.40
C THR B 98 20.93 -7.17 11.14
N GLU B 99 21.92 -6.30 10.88
CA GLU B 99 22.04 -4.93 11.49
C GLU B 99 21.16 -3.89 10.79
N LEU B 100 20.53 -4.16 9.62
CA LEU B 100 19.85 -3.10 8.81
C LEU B 100 18.64 -2.55 9.59
N GLY B 101 17.89 -3.37 10.30
CA GLY B 101 16.75 -2.85 11.08
C GLY B 101 17.20 -1.77 12.04
N ASP B 102 18.37 -1.92 12.66
CA ASP B 102 18.94 -0.91 13.60
C ASP B 102 19.27 0.38 12.82
N GLU B 103 19.98 0.26 11.69
CA GLU B 103 20.38 1.40 10.82
C GLU B 103 19.15 2.22 10.47
N LEU B 104 18.07 1.58 10.06
CA LEU B 104 16.83 2.26 9.58
C LEU B 104 16.14 2.99 10.74
N ARG B 105 15.91 2.29 11.84
CA ARG B 105 15.30 2.82 13.09
C ARG B 105 16.10 4.00 13.61
N SER B 106 17.42 3.99 13.51
CA SER B 106 18.31 5.06 14.03
C SER B 106 18.66 6.07 12.93
N GLY B 107 18.62 5.66 11.67
CA GLY B 107 19.03 6.49 10.54
C GLY B 107 20.54 6.45 10.27
N LYS B 108 21.35 5.66 11.01
CA LYS B 108 22.80 5.45 10.67
C LYS B 108 22.95 4.37 9.61
N LEU B 109 22.97 4.77 8.33
CA LEU B 109 22.84 3.84 7.16
C LEU B 109 24.23 3.55 6.56
N ASP B 110 25.20 3.15 7.41
CA ASP B 110 26.64 3.03 7.03
C ASP B 110 26.85 1.87 6.05
N VAL B 111 26.27 0.70 6.30
CA VAL B 111 26.31 -0.50 5.41
C VAL B 111 25.70 -0.11 4.03
N PHE B 112 24.54 0.56 3.97
CA PHE B 112 23.91 1.01 2.71
C PHE B 112 24.85 1.94 1.93
N TYR B 113 25.59 2.83 2.61
CA TYR B 113 26.42 3.89 1.99
C TYR B 113 27.77 3.28 1.60
N ASP B 114 28.33 2.44 2.48
CA ASP B 114 29.59 1.69 2.20
C ASP B 114 29.37 0.78 0.97
N LEU B 115 28.28 0.00 0.96
CA LEU B 115 28.03 -1.08 -0.03
C LEU B 115 27.76 -0.40 -1.37
N TYR B 116 27.23 0.80 -1.36
CA TYR B 116 26.96 1.59 -2.59
C TYR B 116 28.27 2.18 -3.12
N ASN B 117 29.12 2.71 -2.22
CA ASN B 117 30.38 3.43 -2.57
C ASN B 117 31.29 2.43 -3.31
N LEU B 118 31.62 1.32 -2.66
CA LEU B 118 32.17 0.13 -3.35
C LEU B 118 31.09 -0.31 -4.33
N ALA B 119 31.44 -0.59 -5.57
CA ALA B 119 30.44 -0.87 -6.64
C ALA B 119 30.04 0.42 -7.33
N GLN B 120 30.38 1.55 -6.74
CA GLN B 120 30.41 2.88 -7.39
C GLN B 120 31.76 2.86 -8.11
N LYS B 121 32.70 2.13 -7.48
CA LYS B 121 34.09 1.84 -7.91
C LYS B 121 34.07 0.62 -8.87
N ARG B 122 33.40 -0.44 -8.44
CA ARG B 122 33.33 -1.73 -9.17
C ARG B 122 32.70 -1.50 -10.54
N ARG B 123 31.68 -0.63 -10.61
CA ARG B 123 30.91 -0.37 -11.85
C ARG B 123 31.85 0.44 -12.76
N PHE B 124 32.55 1.40 -12.20
CA PHE B 124 33.54 2.24 -12.93
C PHE B 124 34.55 1.34 -13.63
N GLU B 125 35.03 0.35 -12.87
CA GLU B 125 36.18 -0.47 -13.26
C GLU B 125 35.68 -1.63 -14.14
N ARG B 126 34.37 -1.84 -14.24
CA ARG B 126 33.76 -2.74 -15.27
C ARG B 126 33.62 -1.97 -16.58
N TYR B 127 33.25 -0.69 -16.56
CA TYR B 127 33.06 0.10 -17.80
C TYR B 127 34.42 0.50 -18.39
N GLN B 128 35.45 0.72 -17.56
CA GLN B 128 36.85 1.00 -18.02
C GLN B 128 37.43 -0.29 -18.61
N TYR B 129 36.96 -1.47 -18.22
CA TYR B 129 37.40 -2.79 -18.78
C TYR B 129 36.67 -3.05 -20.10
N ALA B 130 35.35 -2.85 -20.12
CA ALA B 130 34.45 -3.01 -21.28
C ALA B 130 34.88 -2.17 -22.48
N LEU B 131 35.37 -0.94 -22.26
CA LEU B 131 35.99 -0.09 -23.32
C LEU B 131 37.26 -0.78 -23.85
N SER B 132 38.18 -1.20 -22.98
CA SER B 132 39.41 -1.90 -23.41
C SER B 132 39.02 -3.04 -24.39
N VAL B 133 38.03 -3.86 -24.06
CA VAL B 133 37.66 -5.13 -24.77
C VAL B 133 37.00 -4.81 -26.11
N LEU B 134 36.46 -3.60 -26.28
CA LEU B 134 35.73 -3.14 -27.50
C LEU B 134 36.70 -3.04 -28.65
N GLU B 135 37.98 -2.79 -28.36
CA GLU B 135 39.11 -2.65 -29.32
C GLU B 135 39.50 -4.01 -29.94
N LYS B 136 39.46 -5.11 -29.18
CA LYS B 136 39.80 -6.49 -29.63
C LYS B 136 38.98 -6.90 -30.87
N PRO B 137 39.41 -7.92 -31.64
CA PRO B 137 38.67 -8.36 -32.82
C PRO B 137 37.31 -9.03 -32.51
N MET B 138 36.30 -8.72 -33.32
CA MET B 138 34.92 -9.29 -33.19
C MET B 138 34.80 -10.55 -34.05
N ASP B 139 34.30 -11.66 -33.50
CA ASP B 139 34.12 -12.95 -34.20
C ASP B 139 32.85 -13.61 -33.64
N PHE B 140 31.79 -13.66 -34.46
CA PHE B 140 30.44 -14.12 -34.06
C PHE B 140 30.13 -15.51 -34.66
N THR B 141 31.12 -16.41 -34.68
CA THR B 141 31.01 -17.71 -35.38
C THR B 141 31.10 -18.90 -34.39
N GLY B 142 31.04 -18.65 -33.07
CA GLY B 142 31.18 -19.67 -32.02
C GLY B 142 29.87 -20.37 -31.77
N ASN B 143 29.79 -21.29 -30.79
CA ASN B 143 28.52 -21.94 -30.34
C ASN B 143 28.15 -21.48 -28.92
N ASP B 144 28.75 -20.38 -28.43
CA ASP B 144 28.42 -19.74 -27.12
C ASP B 144 26.96 -19.24 -27.11
N THR B 145 26.29 -19.38 -25.97
CA THR B 145 24.98 -18.75 -25.69
C THR B 145 25.23 -17.56 -24.75
N TYR B 146 24.20 -16.83 -24.33
CA TYR B 146 24.21 -15.69 -23.36
C TYR B 146 22.94 -15.72 -22.51
N ASN B 147 23.09 -15.91 -21.20
CA ASN B 147 21.97 -16.07 -20.24
C ASN B 147 21.54 -14.67 -19.79
N LEU B 148 20.35 -14.24 -20.21
CA LEU B 148 19.78 -12.87 -19.96
C LEU B 148 19.30 -12.67 -18.51
N ASP B 149 19.30 -13.75 -17.69
CA ASP B 149 18.66 -13.78 -16.35
C ASP B 149 19.69 -14.32 -15.36
N ARG B 150 20.57 -13.44 -14.85
CA ARG B 150 21.51 -13.77 -13.75
C ARG B 150 20.95 -13.18 -12.46
N SER B 151 19.62 -13.02 -12.40
CA SER B 151 18.91 -12.48 -11.22
C SER B 151 19.21 -13.37 -10.00
N LYS B 152 19.43 -14.68 -10.20
CA LYS B 152 19.77 -15.61 -9.10
C LYS B 152 21.12 -16.33 -9.33
N ALA B 153 22.06 -15.76 -10.09
CA ALA B 153 23.36 -16.45 -10.35
C ALA B 153 24.26 -16.27 -9.15
N PRO B 154 25.17 -17.24 -8.83
CA PRO B 154 26.29 -16.98 -7.93
C PRO B 154 27.14 -15.79 -8.46
N TRP B 155 27.61 -14.92 -7.55
CA TRP B 155 28.48 -13.77 -7.84
C TRP B 155 29.83 -14.30 -8.31
N PRO B 156 30.53 -13.58 -9.21
CA PRO B 156 31.82 -14.02 -9.72
C PRO B 156 32.80 -14.23 -8.55
N LYS B 157 33.50 -15.38 -8.55
CA LYS B 157 34.44 -15.90 -7.52
C LYS B 157 35.78 -15.15 -7.57
N ASN B 158 36.15 -14.52 -8.68
CA ASN B 158 37.46 -13.84 -8.84
C ASN B 158 37.42 -12.93 -10.06
N GLU B 159 38.48 -12.14 -10.30
CA GLU B 159 38.55 -11.13 -11.38
C GLU B 159 38.55 -11.80 -12.78
N ALA B 160 39.03 -13.03 -12.89
CA ALA B 160 39.02 -13.73 -14.20
C ALA B 160 37.56 -13.96 -14.59
N GLU B 161 36.72 -14.40 -13.64
CA GLU B 161 35.29 -14.71 -13.92
C GLU B 161 34.52 -13.41 -14.19
N LEU B 162 34.82 -12.35 -13.44
CA LEU B 162 34.33 -10.95 -13.62
C LEU B 162 34.60 -10.53 -15.08
N ASN B 163 35.85 -10.65 -15.50
CA ASN B 163 36.29 -10.23 -16.85
C ASN B 163 35.54 -11.05 -17.92
N ALA B 164 35.35 -12.37 -17.68
CA ALA B 164 34.60 -13.31 -18.57
C ALA B 164 33.12 -12.89 -18.74
N LEU B 165 32.41 -12.57 -17.65
CA LEU B 165 31.00 -12.12 -17.71
C LEU B 165 30.89 -10.82 -18.50
N TRP B 166 31.88 -9.93 -18.37
CA TRP B 166 31.96 -8.64 -19.12
C TRP B 166 32.47 -8.83 -20.57
N ASP B 167 33.20 -9.90 -20.88
CA ASP B 167 33.52 -10.25 -22.30
C ASP B 167 32.24 -10.61 -23.05
N SER B 168 31.47 -11.59 -22.53
CA SER B 168 30.10 -11.95 -22.96
C SER B 168 29.28 -10.68 -23.19
N LYS B 169 29.32 -9.73 -22.26
CA LYS B 169 28.39 -8.56 -22.26
C LYS B 169 28.71 -7.61 -23.44
N VAL B 170 29.98 -7.26 -23.68
CA VAL B 170 30.38 -6.38 -24.83
C VAL B 170 30.13 -7.14 -26.15
N LYS B 171 30.27 -8.47 -26.15
CA LYS B 171 29.92 -9.30 -27.34
C LYS B 171 28.41 -9.18 -27.62
N PHE B 172 27.57 -9.41 -26.61
CA PHE B 172 26.09 -9.35 -26.74
C PHE B 172 25.69 -7.94 -27.23
N ASP B 173 26.27 -6.90 -26.63
CA ASP B 173 26.08 -5.47 -27.00
C ASP B 173 26.51 -5.22 -28.46
N GLU B 174 27.72 -5.63 -28.84
CA GLU B 174 28.22 -5.61 -30.24
C GLU B 174 27.26 -6.34 -31.20
N LEU B 175 26.91 -7.60 -30.90
CA LEU B 175 26.09 -8.48 -31.78
C LEU B 175 24.70 -7.88 -31.98
N SER B 176 24.00 -7.48 -30.91
CA SER B 176 22.62 -6.94 -31.01
C SER B 176 22.64 -5.70 -31.92
N LEU B 177 23.70 -4.88 -31.89
CA LEU B 177 23.94 -3.70 -32.80
C LEU B 177 24.29 -4.14 -34.24
N LYS B 178 25.12 -5.18 -34.39
CA LYS B 178 25.56 -5.65 -35.72
C LYS B 178 24.30 -6.03 -36.52
N LEU B 179 23.34 -6.72 -35.89
CA LEU B 179 22.09 -7.23 -36.51
C LEU B 179 21.15 -6.08 -36.88
N THR B 180 21.56 -4.81 -36.73
CA THR B 180 20.90 -3.63 -37.35
C THR B 180 21.81 -3.05 -38.46
N GLY B 181 22.66 -3.90 -39.06
CA GLY B 181 23.49 -3.64 -40.26
C GLY B 181 24.58 -2.61 -40.04
N LYS B 182 25.28 -2.67 -38.90
CA LYS B 182 26.31 -1.67 -38.53
C LYS B 182 27.71 -2.25 -38.80
N THR B 183 28.61 -1.40 -39.34
CA THR B 183 30.04 -1.71 -39.57
C THR B 183 30.71 -1.89 -38.19
N ASP B 184 31.64 -2.85 -38.08
CA ASP B 184 32.51 -3.03 -36.89
C ASP B 184 32.94 -1.62 -36.41
N LYS B 185 33.14 -0.65 -37.31
CA LYS B 185 33.65 0.74 -37.00
C LYS B 185 32.63 1.54 -36.18
N GLU B 186 31.35 1.45 -36.54
CA GLU B 186 30.28 2.32 -35.95
C GLU B 186 29.69 1.63 -34.72
N ILE B 187 29.90 0.31 -34.56
CA ILE B 187 29.64 -0.44 -33.30
C ILE B 187 30.59 0.07 -32.20
N ARG B 188 31.88 0.25 -32.48
CA ARG B 188 32.88 0.75 -31.49
C ARG B 188 32.56 2.22 -31.15
N GLU B 189 32.18 3.01 -32.15
CA GLU B 189 31.84 4.43 -31.95
C GLU B 189 30.58 4.55 -31.08
N THR B 190 29.53 3.73 -31.28
CA THR B 190 28.28 3.80 -30.48
C THR B 190 28.48 3.17 -29.07
N LEU B 191 29.15 2.01 -28.94
CA LEU B 191 29.35 1.30 -27.63
C LEU B 191 30.41 2.01 -26.77
N THR B 192 31.24 2.89 -27.34
CA THR B 192 32.10 3.85 -26.59
C THR B 192 31.20 4.96 -26.03
N ARG B 193 30.45 5.66 -26.89
CA ARG B 193 29.42 6.66 -26.46
C ARG B 193 28.73 6.16 -25.19
N ARG B 194 28.18 4.93 -25.25
CA ARG B 194 27.33 4.29 -24.21
C ARG B 194 28.13 4.11 -22.93
N TYR B 195 29.21 3.33 -22.97
CA TYR B 195 30.07 2.94 -21.81
C TYR B 195 30.66 4.21 -21.16
N LYS B 196 31.03 5.22 -21.95
CA LYS B 196 31.65 6.48 -21.45
C LYS B 196 30.59 7.34 -20.75
N PHE B 197 29.33 7.23 -21.17
CA PHE B 197 28.19 7.95 -20.55
C PHE B 197 27.78 7.22 -19.26
N ALA B 198 27.95 5.91 -19.22
CA ALA B 198 27.71 5.06 -18.03
C ALA B 198 28.63 5.54 -16.91
N ILE B 199 29.84 5.97 -17.27
CA ILE B 199 30.85 6.51 -16.30
C ILE B 199 30.42 7.92 -15.83
N ARG B 200 29.78 8.72 -16.68
CA ARG B 200 29.40 10.11 -16.33
C ARG B 200 28.17 10.07 -15.39
N ARG B 201 27.15 9.27 -15.73
CA ARG B 201 25.98 8.93 -14.86
C ARG B 201 26.44 8.69 -13.42
N LEU B 202 27.51 7.90 -13.32
CA LEU B 202 28.10 7.24 -12.13
C LEU B 202 28.73 8.25 -11.16
N ALA B 203 29.37 9.31 -11.67
CA ALA B 203 30.00 10.37 -10.85
C ALA B 203 29.09 11.60 -10.78
N GLN B 204 27.87 11.49 -11.28
CA GLN B 204 26.78 12.49 -11.17
C GLN B 204 25.70 11.99 -10.19
N THR B 205 25.77 10.75 -9.66
CA THR B 205 24.78 10.27 -8.65
C THR B 205 24.96 11.13 -7.39
N ASN B 206 23.94 11.26 -6.55
CA ASN B 206 24.03 12.08 -5.30
C ASN B 206 23.70 11.24 -4.05
N SER B 207 24.07 11.75 -2.89
CA SER B 207 23.70 11.19 -1.57
C SER B 207 22.22 10.80 -1.50
N GLU B 208 21.29 11.57 -2.11
CA GLU B 208 19.83 11.21 -2.07
C GLU B 208 19.59 9.94 -2.89
N ASP B 209 20.37 9.73 -3.94
CA ASP B 209 20.19 8.55 -4.83
C ASP B 209 20.33 7.27 -4.00
N VAL B 210 21.41 7.21 -3.21
CA VAL B 210 21.72 6.06 -2.31
C VAL B 210 20.62 5.99 -1.25
N PHE B 211 20.30 7.12 -0.63
CA PHE B 211 19.22 7.14 0.39
C PHE B 211 17.95 6.49 -0.19
N SER B 212 17.53 6.98 -1.37
CA SER B 212 16.30 6.56 -2.08
C SER B 212 16.28 5.03 -2.19
N LEU B 213 17.43 4.45 -2.55
CA LEU B 213 17.58 3.00 -2.86
C LEU B 213 17.61 2.17 -1.58
N ALA B 214 18.17 2.70 -0.49
CA ALA B 214 18.04 2.06 0.85
C ALA B 214 16.55 1.99 1.23
N MET B 215 15.84 3.13 1.24
CA MET B 215 14.40 3.18 1.57
C MET B 215 13.59 2.25 0.65
N THR B 216 14.06 2.00 -0.58
CA THR B 216 13.32 1.21 -1.63
C THR B 216 13.43 -0.29 -1.31
N ALA B 217 14.63 -0.76 -0.96
CA ALA B 217 14.91 -2.12 -0.45
C ALA B 217 14.03 -2.45 0.74
N PHE B 218 13.96 -1.53 1.69
CA PHE B 218 13.06 -1.61 2.87
C PHE B 218 11.60 -1.78 2.37
N ALA B 219 11.12 -0.76 1.66
CA ALA B 219 9.72 -0.61 1.19
C ALA B 219 9.26 -1.87 0.43
N ARG B 220 10.07 -2.31 -0.52
CA ARG B 220 9.68 -3.34 -1.50
C ARG B 220 9.77 -4.74 -0.88
N GLU B 221 10.22 -4.83 0.38
CA GLU B 221 10.38 -6.12 1.10
C GLU B 221 9.12 -6.33 1.93
N ILE B 222 8.29 -5.29 2.06
CA ILE B 222 6.94 -5.29 2.72
C ILE B 222 5.88 -5.73 1.71
N ASP B 223 5.67 -4.91 0.68
CA ASP B 223 4.79 -5.29 -0.44
C ASP B 223 5.24 -4.52 -1.68
N PRO B 224 4.83 -5.01 -2.87
CA PRO B 224 5.34 -4.48 -4.14
C PRO B 224 4.84 -3.07 -4.50
N HIS B 225 3.91 -2.53 -3.71
CA HIS B 225 3.27 -1.21 -4.00
C HIS B 225 3.75 -0.14 -3.01
N THR B 226 4.39 -0.55 -1.93
CA THR B 226 5.03 0.37 -0.95
C THR B 226 6.27 1.01 -1.58
N ASN B 227 6.54 2.29 -1.31
CA ASN B 227 7.62 3.09 -1.96
C ASN B 227 8.08 4.26 -1.09
N TYR B 228 9.33 4.68 -1.28
CA TYR B 228 9.83 6.00 -0.85
C TYR B 228 9.80 6.89 -2.09
N LEU B 229 9.67 8.21 -1.94
CA LEU B 229 9.54 9.15 -3.07
C LEU B 229 10.39 10.36 -2.75
N SER B 230 11.50 10.51 -3.45
CA SER B 230 12.54 11.52 -3.16
C SER B 230 11.97 12.95 -3.26
N PRO B 231 12.60 13.91 -2.56
CA PRO B 231 12.23 15.32 -2.66
C PRO B 231 12.49 15.85 -4.09
N ARG B 232 11.68 16.82 -4.54
CA ARG B 232 11.81 17.40 -5.90
C ARG B 232 13.14 18.14 -6.10
N ASN B 233 13.83 17.83 -7.21
CA ASN B 233 15.17 18.34 -7.61
C ASN B 233 15.01 19.71 -8.29
N THR B 234 16.09 20.51 -8.40
CA THR B 234 16.08 21.88 -9.02
C THR B 234 15.54 21.80 -10.47
N LEU B 248 -6.22 16.10 -20.97
CA LEU B 248 -7.34 15.78 -20.05
C LEU B 248 -8.41 14.92 -20.76
N GLU B 249 -8.98 15.39 -21.88
CA GLU B 249 -10.04 14.67 -22.64
C GLU B 249 -9.40 13.66 -23.60
N ASP B 250 -8.07 13.60 -23.69
CA ASP B 250 -7.34 12.56 -24.46
C ASP B 250 -7.59 11.20 -23.78
N ARG B 251 -7.65 11.18 -22.45
CA ARG B 251 -7.88 9.94 -21.67
C ARG B 251 -9.35 9.84 -21.27
N ALA B 252 -10.27 10.22 -22.17
CA ALA B 252 -11.73 10.21 -21.91
C ALA B 252 -12.37 8.95 -22.52
N VAL B 253 -13.67 8.76 -22.32
CA VAL B 253 -14.44 7.63 -22.92
C VAL B 253 -14.62 7.92 -24.40
N LYS B 254 -14.29 6.98 -25.27
CA LYS B 254 -14.74 6.99 -26.68
C LYS B 254 -15.84 5.94 -26.80
N MET B 255 -16.96 6.31 -27.42
CA MET B 255 -18.11 5.43 -27.74
C MET B 255 -18.06 5.12 -29.24
N SER B 256 -18.62 3.96 -29.63
CA SER B 256 -18.81 3.53 -31.04
C SER B 256 -19.92 2.49 -31.13
N VAL B 257 -20.34 2.22 -32.36
CA VAL B 257 -21.36 1.19 -32.70
C VAL B 257 -20.73 0.28 -33.77
N LYS B 258 -21.08 -0.99 -33.72
CA LYS B 258 -20.54 -2.06 -34.56
C LYS B 258 -21.71 -2.98 -34.82
N THR B 259 -21.91 -3.47 -36.06
CA THR B 259 -23.15 -4.19 -36.46
C THR B 259 -22.85 -5.66 -36.79
N VAL B 260 -23.85 -6.52 -36.62
CA VAL B 260 -23.88 -7.89 -37.24
C VAL B 260 -25.23 -8.04 -37.96
N GLY B 261 -25.18 -7.93 -39.29
CA GLY B 261 -26.37 -7.73 -40.13
C GLY B 261 -27.03 -6.41 -39.79
N LYS B 262 -28.27 -6.48 -39.29
CA LYS B 262 -29.13 -5.28 -39.07
C LYS B 262 -29.11 -4.90 -37.59
N GLU B 263 -28.28 -5.54 -36.77
CA GLU B 263 -28.34 -5.33 -35.29
C GLU B 263 -27.06 -4.69 -34.77
N LYS B 264 -27.24 -3.69 -33.89
CA LYS B 264 -26.15 -2.82 -33.37
C LYS B 264 -25.75 -3.22 -31.93
N VAL B 265 -24.51 -2.87 -31.55
CA VAL B 265 -23.90 -3.10 -30.21
C VAL B 265 -23.04 -1.88 -29.90
N GLY B 266 -23.37 -1.22 -28.79
CA GLY B 266 -22.62 -0.04 -28.34
C GLY B 266 -21.39 -0.51 -27.62
N VAL B 267 -20.28 0.19 -27.81
CA VAL B 267 -18.98 -0.14 -27.15
C VAL B 267 -18.46 1.14 -26.50
N LEU B 268 -18.16 1.04 -25.19
CA LEU B 268 -17.51 2.12 -24.40
C LEU B 268 -16.06 1.73 -24.14
N ASP B 269 -15.10 2.37 -24.81
CA ASP B 269 -13.65 2.23 -24.49
C ASP B 269 -13.39 3.12 -23.29
N ILE B 270 -13.11 2.51 -22.14
CA ILE B 270 -12.80 3.24 -20.87
C ILE B 270 -11.31 3.13 -20.59
N PRO B 271 -10.54 4.22 -20.80
CA PRO B 271 -9.08 4.16 -20.70
C PRO B 271 -8.61 4.10 -19.24
N GLY B 272 -9.35 4.75 -18.34
CA GLY B 272 -9.14 4.69 -16.89
C GLY B 272 -10.31 5.32 -16.13
N PHE B 273 -10.40 5.06 -14.83
CA PHE B 273 -11.47 5.60 -13.95
C PHE B 273 -11.06 7.02 -13.50
N TYR B 274 -10.91 7.95 -14.46
CA TYR B 274 -10.66 9.42 -14.23
C TYR B 274 -11.91 10.04 -13.59
N VAL B 275 -11.74 11.09 -12.76
CA VAL B 275 -12.84 11.67 -11.93
C VAL B 275 -13.91 12.29 -12.85
N GLY B 276 -15.18 11.91 -12.66
CA GLY B 276 -16.32 12.30 -13.53
C GLY B 276 -16.41 11.48 -14.81
N LEU B 277 -15.88 10.27 -14.77
CA LEU B 277 -16.07 9.22 -15.81
C LEU B 277 -17.59 8.94 -15.93
N THR B 278 -18.26 8.77 -14.79
CA THR B 278 -19.67 8.31 -14.72
C THR B 278 -20.59 9.34 -15.39
N ASP B 279 -20.14 10.59 -15.47
CA ASP B 279 -20.85 11.71 -16.15
C ASP B 279 -20.77 11.54 -17.67
N ASP B 280 -19.61 11.11 -18.14
CA ASP B 280 -19.25 11.03 -19.57
C ASP B 280 -20.00 9.83 -20.18
N VAL B 281 -20.04 8.70 -19.47
CA VAL B 281 -20.72 7.47 -19.97
C VAL B 281 -22.24 7.66 -19.89
N LYS B 282 -22.73 8.56 -19.03
CA LYS B 282 -24.18 8.85 -18.91
C LYS B 282 -24.64 9.58 -20.20
N VAL B 283 -23.83 10.50 -20.72
CA VAL B 283 -24.03 11.23 -22.02
C VAL B 283 -24.20 10.15 -23.10
N GLN B 284 -23.25 9.21 -23.13
CA GLN B 284 -23.03 8.25 -24.24
C GLN B 284 -24.05 7.12 -24.12
N LEU B 285 -24.44 6.75 -22.90
CA LEU B 285 -25.52 5.75 -22.64
C LEU B 285 -26.85 6.29 -23.18
N GLN B 286 -27.03 7.62 -23.25
CA GLN B 286 -28.24 8.27 -23.86
C GLN B 286 -28.14 8.22 -25.40
N LYS B 287 -27.02 8.67 -25.98
CA LYS B 287 -26.71 8.52 -27.43
C LYS B 287 -27.04 7.10 -27.92
N LEU B 288 -26.64 6.06 -27.15
CA LEU B 288 -26.73 4.63 -27.55
C LEU B 288 -28.14 4.06 -27.27
N GLU B 289 -28.76 4.41 -26.14
CA GLU B 289 -30.16 3.99 -25.82
C GLU B 289 -31.08 4.33 -27.01
N LYS B 290 -30.98 5.56 -27.53
CA LYS B 290 -31.85 6.06 -28.62
C LYS B 290 -31.59 5.29 -29.92
N GLN B 291 -30.34 4.99 -30.27
CA GLN B 291 -29.97 4.29 -31.55
C GLN B 291 -30.28 2.78 -31.50
N ASN B 292 -31.25 2.39 -30.66
CA ASN B 292 -31.85 1.02 -30.58
C ASN B 292 -30.77 -0.07 -30.59
N VAL B 293 -29.72 0.08 -29.76
CA VAL B 293 -28.61 -0.92 -29.66
C VAL B 293 -29.13 -2.12 -28.84
N SER B 294 -28.83 -3.35 -29.27
CA SER B 294 -29.32 -4.65 -28.72
C SER B 294 -28.53 -5.01 -27.46
N SER B 295 -27.34 -4.42 -27.31
CA SER B 295 -26.35 -4.78 -26.26
C SER B 295 -25.28 -3.69 -26.13
N VAL B 296 -24.71 -3.57 -24.92
CA VAL B 296 -23.58 -2.63 -24.61
C VAL B 296 -22.35 -3.44 -24.10
N ILE B 297 -21.16 -3.04 -24.54
CA ILE B 297 -19.85 -3.58 -24.09
C ILE B 297 -19.12 -2.44 -23.40
N ILE B 298 -18.73 -2.64 -22.14
CA ILE B 298 -17.69 -1.82 -21.43
C ILE B 298 -16.34 -2.48 -21.70
N ASP B 299 -15.41 -1.73 -22.31
CA ASP B 299 -14.06 -2.21 -22.66
C ASP B 299 -13.08 -1.61 -21.64
N LEU B 300 -12.60 -2.44 -20.70
CA LEU B 300 -11.64 -2.09 -19.62
C LEU B 300 -10.32 -2.85 -19.81
N ARG B 301 -9.98 -3.27 -21.02
CA ARG B 301 -8.67 -3.94 -21.25
C ARG B 301 -7.57 -2.93 -20.96
N SER B 302 -6.52 -3.39 -20.30
CA SER B 302 -5.34 -2.56 -19.97
C SER B 302 -5.79 -1.26 -19.28
N ASN B 303 -6.96 -1.25 -18.66
CA ASN B 303 -7.43 -0.14 -17.77
C ASN B 303 -6.98 -0.43 -16.32
N GLY B 304 -5.91 0.25 -15.88
CA GLY B 304 -5.14 -0.11 -14.68
C GLY B 304 -5.59 0.59 -13.42
N GLY B 305 -6.82 1.12 -13.37
CA GLY B 305 -7.42 1.60 -12.10
C GLY B 305 -7.81 3.06 -12.17
N GLY B 306 -7.81 3.73 -11.01
CA GLY B 306 -8.30 5.11 -10.84
C GLY B 306 -9.20 5.25 -9.60
N ALA B 307 -9.88 6.38 -9.47
CA ALA B 307 -10.73 6.73 -8.32
C ALA B 307 -11.76 5.64 -8.01
N LEU B 308 -11.62 4.94 -6.87
CA LEU B 308 -12.62 3.94 -6.36
C LEU B 308 -14.03 4.52 -6.45
N THR B 309 -14.23 5.83 -6.31
CA THR B 309 -15.59 6.43 -6.28
C THR B 309 -16.24 6.26 -7.66
N GLU B 310 -15.46 6.49 -8.73
CA GLU B 310 -15.90 6.31 -10.13
C GLU B 310 -16.30 4.85 -10.39
N ALA B 311 -15.67 3.89 -9.72
CA ALA B 311 -16.08 2.46 -9.73
C ALA B 311 -17.42 2.23 -9.01
N VAL B 312 -17.75 2.91 -7.91
CA VAL B 312 -19.07 2.66 -7.25
C VAL B 312 -20.15 3.37 -8.07
N SER B 313 -19.90 4.60 -8.53
CA SER B 313 -20.88 5.40 -9.30
C SER B 313 -21.21 4.71 -10.64
N LEU B 314 -20.21 4.16 -11.33
CA LEU B 314 -20.41 3.47 -12.63
C LEU B 314 -21.19 2.15 -12.42
N SER B 315 -20.83 1.36 -11.41
CA SER B 315 -21.59 0.16 -10.96
C SER B 315 -23.07 0.52 -10.79
N GLY B 316 -23.33 1.75 -10.37
CA GLY B 316 -24.69 2.24 -10.03
C GLY B 316 -25.55 2.47 -11.24
N LEU B 317 -24.96 2.86 -12.37
CA LEU B 317 -25.66 3.02 -13.68
C LEU B 317 -26.34 1.71 -14.10
N PHE B 318 -25.95 0.55 -13.55
CA PHE B 318 -26.35 -0.77 -14.09
C PHE B 318 -27.11 -1.58 -13.06
N ILE B 319 -26.92 -1.34 -11.75
CA ILE B 319 -27.68 -2.03 -10.66
C ILE B 319 -28.38 -0.95 -9.83
N PRO B 320 -29.59 -1.23 -9.28
CA PRO B 320 -30.40 -0.18 -8.64
C PRO B 320 -29.76 0.49 -7.41
N ALA B 321 -29.70 -0.22 -6.29
CA ALA B 321 -29.00 0.17 -5.05
C ALA B 321 -28.35 -1.11 -4.60
N GLY B 322 -27.50 -0.98 -3.58
CA GLY B 322 -26.75 -2.12 -3.01
C GLY B 322 -25.29 -1.76 -2.75
N PRO B 323 -24.61 -2.60 -1.95
CA PRO B 323 -23.17 -2.44 -1.74
C PRO B 323 -22.36 -2.89 -2.98
N ILE B 324 -21.33 -2.12 -3.36
CA ILE B 324 -20.40 -2.40 -4.50
C ILE B 324 -19.14 -3.15 -3.98
N VAL B 325 -18.54 -2.69 -2.89
CA VAL B 325 -17.20 -3.13 -2.41
C VAL B 325 -17.16 -3.00 -0.87
N GLN B 326 -16.65 -4.02 -0.18
CA GLN B 326 -16.24 -3.98 1.25
C GLN B 326 -14.74 -3.60 1.31
N VAL B 327 -14.41 -2.41 1.82
CA VAL B 327 -13.00 -1.97 2.14
C VAL B 327 -12.65 -2.39 3.58
N ARG B 328 -11.43 -2.84 3.83
CA ARG B 328 -10.98 -3.23 5.20
C ARG B 328 -9.64 -2.56 5.51
N ASP B 329 -9.49 -2.08 6.77
CA ASP B 329 -8.43 -1.14 7.24
C ASP B 329 -7.32 -1.96 7.94
N ASN B 330 -6.17 -1.32 8.26
CA ASN B 330 -4.95 -1.95 8.84
C ASN B 330 -5.22 -2.56 10.24
N ASN B 331 -6.20 -2.03 10.98
CA ASN B 331 -6.44 -2.30 12.43
C ASN B 331 -7.47 -3.43 12.62
N GLY B 332 -8.33 -3.69 11.63
CA GLY B 332 -9.21 -4.89 11.56
C GLY B 332 -10.61 -4.61 10.98
N LYS B 333 -10.93 -3.34 10.69
CA LYS B 333 -12.32 -2.79 10.57
C LYS B 333 -12.74 -2.68 9.10
N VAL B 334 -13.96 -3.15 8.81
CA VAL B 334 -14.62 -3.18 7.46
C VAL B 334 -15.59 -2.01 7.29
N ARG B 335 -15.84 -1.61 6.05
CA ARG B 335 -16.65 -0.44 5.61
C ARG B 335 -17.31 -0.86 4.27
N GLU B 336 -18.54 -0.41 3.97
CA GLU B 336 -19.25 -0.74 2.70
C GLU B 336 -19.46 0.56 1.95
N ASP B 337 -18.89 0.71 0.74
CA ASP B 337 -19.33 1.75 -0.22
C ASP B 337 -20.56 1.19 -0.95
N SER B 338 -21.61 2.00 -1.08
CA SER B 338 -22.90 1.59 -1.71
C SER B 338 -23.24 2.57 -2.83
N ASP B 339 -24.24 2.22 -3.65
CA ASP B 339 -24.87 3.13 -4.64
C ASP B 339 -26.18 3.63 -4.06
N THR B 340 -26.28 4.95 -3.78
CA THR B 340 -27.40 5.59 -3.00
C THR B 340 -28.58 5.98 -3.92
N ASP B 341 -28.37 6.44 -5.17
CA ASP B 341 -29.49 6.80 -6.10
C ASP B 341 -30.08 5.51 -6.69
N GLY B 342 -31.31 5.14 -6.29
CA GLY B 342 -31.89 3.81 -6.52
C GLY B 342 -32.36 3.58 -7.96
N GLN B 343 -31.92 4.39 -8.94
CA GLN B 343 -32.40 4.33 -10.35
C GLN B 343 -31.33 3.66 -11.23
N VAL B 344 -31.79 2.96 -12.27
CA VAL B 344 -30.96 2.13 -13.20
C VAL B 344 -30.92 2.84 -14.57
N PHE B 345 -29.91 3.66 -14.84
CA PHE B 345 -29.72 4.46 -16.08
C PHE B 345 -29.68 3.59 -17.35
N TYR B 346 -29.41 2.28 -17.24
CA TYR B 346 -29.40 1.32 -18.37
C TYR B 346 -29.60 -0.13 -17.88
N LYS B 347 -30.75 -0.75 -18.25
CA LYS B 347 -31.15 -2.13 -17.86
C LYS B 347 -30.90 -3.09 -19.02
N GLY B 348 -30.35 -2.60 -20.14
CA GLY B 348 -30.15 -3.45 -21.34
C GLY B 348 -29.02 -4.44 -21.14
N PRO B 349 -28.86 -5.47 -21.99
CA PRO B 349 -27.85 -6.51 -21.76
C PRO B 349 -26.44 -5.91 -21.86
N LEU B 350 -25.62 -6.21 -20.85
CA LEU B 350 -24.30 -5.62 -20.58
C LEU B 350 -23.21 -6.70 -20.69
N VAL B 351 -22.04 -6.31 -21.17
CA VAL B 351 -20.84 -7.21 -21.27
C VAL B 351 -19.61 -6.38 -20.93
N VAL B 352 -18.68 -7.02 -20.22
CA VAL B 352 -17.46 -6.40 -19.64
C VAL B 352 -16.23 -7.13 -20.17
N LEU B 353 -15.40 -6.39 -20.92
CA LEU B 353 -14.20 -6.94 -21.61
C LEU B 353 -12.98 -6.51 -20.80
N VAL B 354 -12.28 -7.49 -20.22
CA VAL B 354 -11.08 -7.28 -19.35
C VAL B 354 -9.90 -8.13 -19.85
N ASP B 355 -8.68 -7.69 -19.55
CA ASP B 355 -7.45 -8.50 -19.78
C ASP B 355 -6.64 -8.53 -18.47
N ARG B 356 -5.50 -9.20 -18.53
CA ARG B 356 -4.53 -9.40 -17.43
C ARG B 356 -4.01 -8.05 -16.91
N PHE B 357 -4.25 -6.94 -17.63
CA PHE B 357 -3.83 -5.58 -17.20
C PHE B 357 -5.05 -4.75 -16.73
N SER B 358 -6.24 -5.34 -16.67
CA SER B 358 -7.39 -4.69 -15.99
C SER B 358 -7.09 -4.82 -14.51
N ALA B 359 -7.16 -3.74 -13.74
CA ALA B 359 -6.63 -3.72 -12.36
C ALA B 359 -7.33 -2.69 -11.47
N SER B 360 -7.27 -2.94 -10.16
CA SER B 360 -7.75 -2.02 -9.11
C SER B 360 -9.23 -1.77 -9.43
N ALA B 361 -9.66 -0.51 -9.53
CA ALA B 361 -11.05 -0.02 -9.77
C ALA B 361 -11.79 -0.82 -10.86
N SER B 362 -11.11 -1.15 -11.94
CA SER B 362 -11.67 -1.98 -13.03
C SER B 362 -12.18 -3.31 -12.46
N GLU B 363 -11.40 -3.95 -11.59
CA GLU B 363 -11.67 -5.28 -10.98
C GLU B 363 -12.85 -5.16 -10.00
N ILE B 364 -12.92 -4.08 -9.24
CA ILE B 364 -14.10 -3.72 -8.41
C ILE B 364 -15.36 -3.80 -9.32
N PHE B 365 -15.39 -3.00 -10.39
CA PHE B 365 -16.56 -2.81 -11.30
C PHE B 365 -16.95 -4.14 -11.90
N ALA B 366 -15.98 -4.78 -12.54
CA ALA B 366 -16.16 -6.09 -13.20
C ALA B 366 -16.65 -7.12 -12.17
N ALA B 367 -16.12 -7.12 -10.94
CA ALA B 367 -16.46 -8.07 -9.86
C ALA B 367 -17.92 -7.84 -9.41
N ALA B 368 -18.36 -6.58 -9.34
CA ALA B 368 -19.73 -6.19 -8.89
C ALA B 368 -20.76 -6.71 -9.90
N MET B 369 -20.57 -6.36 -11.17
CA MET B 369 -21.46 -6.75 -12.31
C MET B 369 -21.54 -8.28 -12.33
N GLN B 370 -20.42 -8.97 -12.07
CA GLN B 370 -20.41 -10.46 -12.09
C GLN B 370 -21.28 -10.94 -10.93
N ASP B 371 -21.17 -10.28 -9.78
CA ASP B 371 -21.70 -10.81 -8.49
C ASP B 371 -23.23 -10.62 -8.43
N TYR B 372 -23.70 -9.53 -9.05
CA TYR B 372 -25.12 -9.15 -9.21
C TYR B 372 -25.74 -9.81 -10.45
N GLY B 373 -24.92 -10.53 -11.21
CA GLY B 373 -25.36 -11.11 -12.50
C GLY B 373 -26.00 -10.03 -13.33
N ARG B 374 -25.50 -8.80 -13.21
CA ARG B 374 -25.96 -7.68 -14.05
C ARG B 374 -25.28 -7.71 -15.43
N ALA B 375 -24.08 -8.25 -15.57
CA ALA B 375 -23.31 -8.20 -16.84
C ALA B 375 -22.41 -9.42 -16.93
N LEU B 376 -22.10 -9.81 -18.16
CA LEU B 376 -21.24 -10.97 -18.50
C LEU B 376 -19.80 -10.46 -18.56
N VAL B 377 -18.87 -11.31 -18.11
CA VAL B 377 -17.43 -10.95 -18.12
C VAL B 377 -16.72 -11.84 -19.17
N VAL B 378 -16.00 -11.18 -20.10
CA VAL B 378 -15.20 -11.79 -21.20
C VAL B 378 -13.75 -11.29 -21.12
N GLY B 379 -12.80 -12.20 -21.27
CA GLY B 379 -11.42 -11.89 -21.70
C GLY B 379 -10.41 -12.78 -21.03
N GLU B 380 -9.41 -12.14 -20.40
CA GLU B 380 -8.36 -12.81 -19.58
C GLU B 380 -8.68 -12.50 -18.11
N PRO B 381 -8.49 -13.47 -17.19
CA PRO B 381 -8.39 -13.15 -15.76
C PRO B 381 -7.60 -11.85 -15.55
N THR B 382 -8.04 -11.02 -14.62
CA THR B 382 -7.46 -9.67 -14.36
C THR B 382 -6.25 -9.82 -13.44
N PHE B 383 -5.55 -8.72 -13.17
CA PHE B 383 -4.20 -8.60 -12.53
C PHE B 383 -4.18 -9.23 -11.12
N GLY B 384 -5.14 -8.77 -10.31
CA GLY B 384 -5.32 -9.17 -8.90
C GLY B 384 -4.90 -8.07 -7.94
N LYS B 385 -5.12 -6.79 -8.27
CA LYS B 385 -4.72 -5.67 -7.40
C LYS B 385 -5.85 -5.44 -6.39
N GLY B 386 -5.74 -6.07 -5.22
CA GLY B 386 -6.78 -6.03 -4.17
C GLY B 386 -6.44 -5.14 -2.99
N THR B 387 -5.75 -4.01 -3.21
CA THR B 387 -5.17 -3.18 -2.12
C THR B 387 -5.09 -1.71 -2.53
N VAL B 388 -5.24 -0.84 -1.52
CA VAL B 388 -5.26 0.64 -1.63
C VAL B 388 -4.00 1.17 -0.97
N GLN B 389 -3.25 2.04 -1.64
CA GLN B 389 -2.06 2.70 -1.05
C GLN B 389 -2.39 4.18 -0.84
N GLN B 390 -1.74 4.79 0.14
CA GLN B 390 -1.98 6.19 0.56
C GLN B 390 -0.65 6.91 0.52
N TYR B 391 -0.62 8.14 0.05
CA TYR B 391 0.55 9.04 0.20
C TYR B 391 0.50 9.75 1.58
N ARG B 392 1.57 9.75 2.34
CA ARG B 392 1.73 10.69 3.47
C ARG B 392 3.09 11.35 3.31
N SER B 393 3.19 12.63 3.66
CA SER B 393 4.43 13.44 3.65
C SER B 393 5.32 13.14 4.89
N LEU B 394 6.65 13.19 4.72
CA LEU B 394 7.65 12.97 5.80
C LEU B 394 7.98 14.33 6.42
N ASN B 395 7.22 15.37 6.02
CA ASN B 395 7.37 16.77 6.45
C ASN B 395 6.51 17.07 7.67
N ARG B 396 7.13 17.55 8.74
CA ARG B 396 6.39 18.08 9.89
C ARG B 396 6.44 19.62 9.90
N ILE B 397 5.35 20.24 10.37
CA ILE B 397 5.14 21.71 10.42
C ILE B 397 6.28 22.47 11.14
N TYR B 398 7.04 21.85 12.07
CA TYR B 398 8.10 22.55 12.83
C TYR B 398 9.47 22.40 12.17
N ASP B 399 9.55 21.88 10.93
CA ASP B 399 10.87 21.60 10.29
C ASP B 399 11.49 22.94 9.85
N GLN B 400 10.77 23.79 9.09
CA GLN B 400 11.31 25.11 8.66
C GLN B 400 11.82 25.89 9.87
N MET B 401 11.02 25.92 10.94
CA MET B 401 11.38 26.44 12.28
C MET B 401 12.76 25.99 12.77
N LEU B 402 12.92 24.69 13.06
CA LEU B 402 14.04 24.19 13.91
C LEU B 402 15.25 23.89 13.02
N ARG B 403 15.07 23.20 11.89
CA ARG B 403 16.22 22.78 11.04
C ARG B 403 16.02 23.45 9.66
N PRO B 404 16.15 24.80 9.56
CA PRO B 404 15.81 25.55 8.34
C PRO B 404 16.86 25.43 7.22
N GLU B 405 18.07 24.98 7.57
CA GLU B 405 19.15 24.62 6.61
C GLU B 405 18.66 23.48 5.70
N TRP B 406 17.83 22.56 6.23
CA TRP B 406 17.37 21.33 5.55
C TRP B 406 16.68 21.71 4.25
N PRO B 407 16.61 20.75 3.28
CA PRO B 407 15.67 20.84 2.17
C PRO B 407 14.30 20.27 2.51
N ALA B 408 13.33 20.45 1.62
CA ALA B 408 12.07 19.68 1.62
C ALA B 408 12.44 18.21 1.81
N LEU B 409 11.59 17.46 2.50
CA LEU B 409 11.81 16.00 2.75
C LEU B 409 10.89 15.22 1.83
N GLY B 410 11.07 13.91 1.77
CA GLY B 410 10.35 13.12 0.76
C GLY B 410 8.93 12.89 1.19
N SER B 411 8.26 11.96 0.54
CA SER B 411 7.03 11.32 1.05
C SER B 411 7.17 9.80 0.90
N VAL B 412 6.31 9.04 1.59
CA VAL B 412 6.19 7.56 1.50
C VAL B 412 4.82 7.21 0.94
N GLN B 413 4.72 6.09 0.26
CA GLN B 413 3.43 5.54 -0.24
C GLN B 413 3.35 4.14 0.35
N TYR B 414 2.22 3.73 0.92
CA TYR B 414 2.10 2.38 1.55
C TYR B 414 0.63 1.93 1.60
N THR B 415 0.46 0.61 1.55
CA THR B 415 -0.84 -0.08 1.70
C THR B 415 -1.45 0.19 3.07
N ILE B 416 -2.74 0.60 3.08
CA ILE B 416 -3.60 0.94 4.26
C ILE B 416 -4.86 0.06 4.28
N GLN B 417 -5.33 -0.39 3.12
CA GLN B 417 -6.63 -1.10 2.97
C GLN B 417 -6.52 -2.27 1.97
N LYS B 418 -7.40 -3.24 2.16
CA LYS B 418 -7.73 -4.30 1.18
C LYS B 418 -9.15 -4.09 0.62
N PHE B 419 -9.43 -4.68 -0.53
CA PHE B 419 -10.77 -4.74 -1.16
C PHE B 419 -11.31 -6.16 -1.01
N TYR B 420 -12.62 -6.24 -0.80
CA TYR B 420 -13.36 -7.51 -0.87
C TYR B 420 -14.60 -7.26 -1.72
N ARG B 421 -14.92 -8.31 -2.48
CA ARG B 421 -16.13 -8.40 -3.32
C ARG B 421 -17.32 -8.41 -2.36
N VAL B 422 -18.52 -8.17 -2.89
CA VAL B 422 -19.77 -8.27 -2.09
C VAL B 422 -20.03 -9.73 -1.71
N ASN B 423 -19.49 -10.73 -2.43
CA ASN B 423 -19.66 -12.15 -2.05
C ASN B 423 -18.63 -12.54 -0.98
N GLY B 424 -17.72 -11.61 -0.61
CA GLY B 424 -16.81 -11.76 0.53
C GLY B 424 -15.38 -12.12 0.13
N GLY B 425 -15.17 -12.73 -1.05
CA GLY B 425 -13.83 -13.00 -1.60
C GLY B 425 -13.06 -11.72 -1.84
N SER B 426 -11.73 -11.81 -1.96
CA SER B 426 -10.83 -10.67 -2.27
C SER B 426 -10.42 -10.65 -3.75
N THR B 427 -10.48 -9.48 -4.38
CA THR B 427 -9.74 -9.11 -5.62
C THR B 427 -8.31 -9.70 -5.65
N GLN B 428 -7.54 -9.68 -4.52
CA GLN B 428 -6.06 -9.92 -4.50
C GLN B 428 -5.70 -11.26 -5.14
N ARG B 429 -4.69 -11.28 -6.02
CA ARG B 429 -3.93 -12.51 -6.42
C ARG B 429 -4.89 -13.63 -6.84
N LYS B 430 -6.05 -13.29 -7.35
CA LYS B 430 -7.07 -14.24 -7.86
C LYS B 430 -7.71 -13.51 -9.04
N GLY B 431 -7.94 -12.21 -8.81
CA GLY B 431 -8.59 -11.33 -9.79
C GLY B 431 -9.99 -11.81 -10.15
N VAL B 432 -10.62 -11.01 -11.01
CA VAL B 432 -11.91 -11.32 -11.65
C VAL B 432 -11.59 -12.37 -12.69
N THR B 433 -12.29 -13.51 -12.66
CA THR B 433 -12.14 -14.59 -13.67
C THR B 433 -13.35 -14.49 -14.61
N PRO B 434 -13.14 -14.32 -15.94
CA PRO B 434 -14.25 -14.23 -16.88
C PRO B 434 -15.17 -15.45 -16.99
N ASP B 435 -16.43 -15.19 -17.29
CA ASP B 435 -17.51 -16.17 -17.61
C ASP B 435 -17.12 -16.83 -18.94
N ILE B 436 -16.59 -16.01 -19.86
CA ILE B 436 -16.05 -16.47 -21.17
C ILE B 436 -14.59 -16.04 -21.27
N ILE B 437 -13.68 -17.01 -21.26
CA ILE B 437 -12.21 -16.82 -21.21
C ILE B 437 -11.67 -16.97 -22.62
N MET B 438 -11.16 -15.90 -23.19
CA MET B 438 -10.43 -15.96 -24.49
C MET B 438 -9.24 -16.92 -24.39
N PRO B 439 -8.72 -17.48 -25.51
CA PRO B 439 -7.64 -18.47 -25.44
C PRO B 439 -6.40 -18.08 -24.62
N THR B 440 -5.97 -16.83 -24.66
CA THR B 440 -4.75 -16.37 -23.95
C THR B 440 -4.92 -16.50 -22.43
N GLY B 441 -6.15 -16.45 -21.92
CA GLY B 441 -6.46 -16.52 -20.49
C GLY B 441 -6.32 -17.94 -19.94
N ASN B 442 -6.40 -18.98 -20.78
CA ASN B 442 -6.24 -20.40 -20.36
C ASN B 442 -4.72 -20.71 -20.26
N GLU B 443 -3.90 -19.89 -20.91
CA GLU B 443 -2.41 -19.95 -20.86
C GLU B 443 -1.94 -19.20 -19.61
N GLU B 444 -1.00 -19.81 -18.87
CA GLU B 444 -0.37 -19.29 -17.63
C GLU B 444 0.63 -18.21 -18.03
N THR B 445 0.42 -16.96 -17.64
CA THR B 445 1.28 -15.82 -18.07
C THR B 445 2.20 -15.47 -16.88
N GLU B 446 3.18 -14.59 -17.10
CA GLU B 446 4.18 -14.18 -16.07
C GLU B 446 3.86 -12.74 -15.62
N THR B 447 2.67 -12.24 -15.94
CA THR B 447 2.21 -10.86 -15.58
C THR B 447 0.98 -11.06 -14.69
N GLY B 448 1.01 -10.45 -13.52
CA GLY B 448 -0.09 -10.48 -12.53
C GLY B 448 0.40 -10.15 -11.13
N GLU B 449 -0.44 -9.54 -10.28
CA GLU B 449 -0.09 -9.20 -8.87
C GLU B 449 0.49 -10.44 -8.18
N LYS B 450 -0.16 -11.58 -8.38
CA LYS B 450 0.30 -12.93 -7.94
C LYS B 450 1.84 -13.11 -8.11
N PHE B 451 2.47 -12.52 -9.13
CA PHE B 451 3.92 -12.72 -9.46
C PHE B 451 4.79 -11.63 -8.87
N GLU B 452 4.21 -10.58 -8.28
CA GLU B 452 5.00 -9.50 -7.65
C GLU B 452 5.54 -10.01 -6.30
N ASP B 453 6.71 -9.52 -5.89
CA ASP B 453 7.38 -10.00 -4.65
C ASP B 453 6.60 -9.54 -3.42
N ASN B 454 6.30 -10.48 -2.52
CA ASN B 454 5.69 -10.19 -1.21
C ASN B 454 4.37 -9.49 -1.43
N ALA B 455 3.72 -9.79 -2.55
CA ALA B 455 2.31 -9.39 -2.76
C ALA B 455 1.52 -10.04 -1.63
N LEU B 456 0.56 -9.31 -1.06
CA LEU B 456 -0.20 -9.82 0.11
C LEU B 456 -0.96 -11.05 -0.33
N PRO B 457 -1.25 -12.03 0.57
CA PRO B 457 -1.95 -13.25 0.20
C PRO B 457 -3.43 -12.98 -0.14
N TRP B 458 -4.16 -14.04 -0.51
CA TRP B 458 -5.62 -14.00 -0.79
C TRP B 458 -6.37 -14.34 0.50
N ASP B 459 -7.47 -13.63 0.74
CA ASP B 459 -8.30 -13.61 1.97
C ASP B 459 -9.79 -13.70 1.53
N SER B 460 -10.69 -14.01 2.47
CA SER B 460 -12.14 -13.77 2.33
C SER B 460 -12.68 -13.31 3.67
N ILE B 461 -13.55 -12.32 3.67
CA ILE B 461 -14.39 -11.93 4.84
C ILE B 461 -15.82 -12.45 4.58
N ASP B 462 -16.79 -12.14 5.45
CA ASP B 462 -18.20 -12.50 5.22
C ASP B 462 -18.71 -11.67 4.04
N ALA B 463 -19.72 -12.20 3.35
CA ALA B 463 -20.40 -11.49 2.25
C ALA B 463 -21.17 -10.33 2.87
N ALA B 464 -21.42 -9.27 2.11
CA ALA B 464 -22.36 -8.18 2.42
C ALA B 464 -23.79 -8.67 2.17
N THR B 465 -24.82 -7.90 2.56
CA THR B 465 -26.24 -8.19 2.19
C THR B 465 -26.54 -7.37 0.94
N TYR B 466 -26.94 -8.08 -0.13
CA TYR B 466 -27.33 -7.52 -1.46
C TYR B 466 -28.30 -8.51 -2.14
N VAL B 467 -29.13 -8.01 -3.06
CA VAL B 467 -30.05 -8.84 -3.90
C VAL B 467 -29.54 -8.81 -5.35
N LYS B 468 -29.35 -9.99 -5.94
CA LYS B 468 -28.88 -10.12 -7.35
C LYS B 468 -29.87 -9.42 -8.31
N SER B 469 -29.38 -8.54 -9.20
CA SER B 469 -30.21 -7.86 -10.23
C SER B 469 -30.61 -8.84 -11.37
N GLY B 470 -30.12 -10.08 -11.36
CA GLY B 470 -30.36 -11.09 -12.43
C GLY B 470 -29.52 -12.34 -12.21
N ASP B 471 -29.33 -13.18 -13.22
CA ASP B 471 -28.62 -14.48 -13.09
C ASP B 471 -28.30 -15.04 -14.49
N LEU B 472 -27.02 -15.24 -14.81
CA LEU B 472 -26.57 -15.60 -16.18
C LEU B 472 -26.08 -17.06 -16.26
N THR B 473 -25.98 -17.78 -15.13
CA THR B 473 -25.65 -19.24 -15.11
C THR B 473 -26.54 -19.95 -16.14
N ALA B 474 -27.80 -19.51 -16.28
CA ALA B 474 -28.79 -19.94 -17.30
C ALA B 474 -28.20 -19.89 -18.73
N PHE B 475 -27.75 -18.71 -19.19
CA PHE B 475 -27.31 -18.47 -20.59
C PHE B 475 -25.90 -19.00 -20.93
N GLU B 476 -25.03 -19.20 -19.94
CA GLU B 476 -23.55 -19.28 -20.12
C GLU B 476 -23.15 -20.46 -20.99
N PRO B 477 -23.59 -21.72 -20.74
CA PRO B 477 -23.12 -22.87 -21.55
C PRO B 477 -23.44 -22.76 -23.06
N GLU B 478 -24.52 -22.04 -23.40
CA GLU B 478 -24.97 -21.80 -24.80
C GLU B 478 -24.08 -20.75 -25.46
N LEU B 479 -23.88 -19.60 -24.80
CA LEU B 479 -22.95 -18.50 -25.24
C LEU B 479 -21.58 -19.09 -25.59
N LEU B 480 -21.18 -20.11 -24.83
CA LEU B 480 -19.90 -20.83 -24.94
C LEU B 480 -19.92 -21.84 -26.09
N LYS B 481 -21.05 -22.53 -26.30
CA LYS B 481 -21.23 -23.48 -27.44
C LYS B 481 -20.89 -22.70 -28.71
N GLU B 482 -21.60 -21.56 -28.88
CA GLU B 482 -21.52 -20.61 -30.02
C GLU B 482 -20.11 -20.03 -30.12
N HIS B 483 -19.65 -19.31 -29.10
CA HIS B 483 -18.25 -18.83 -29.00
C HIS B 483 -17.26 -19.88 -29.55
N ASN B 484 -17.25 -21.11 -29.03
CA ASN B 484 -16.22 -22.12 -29.39
C ASN B 484 -16.31 -22.46 -30.88
N ALA B 485 -17.53 -22.72 -31.35
CA ALA B 485 -17.86 -23.00 -32.77
C ALA B 485 -17.24 -21.91 -33.66
N ARG B 486 -17.53 -20.65 -33.37
CA ARG B 486 -17.13 -19.46 -34.17
C ARG B 486 -15.59 -19.35 -34.28
N ILE B 487 -14.83 -19.45 -33.19
CA ILE B 487 -13.36 -19.13 -33.17
C ILE B 487 -12.55 -20.30 -33.73
N ALA B 488 -13.09 -21.52 -33.69
CA ALA B 488 -12.48 -22.71 -34.32
C ALA B 488 -12.35 -22.46 -35.83
N LYS B 489 -13.25 -21.68 -36.44
CA LYS B 489 -13.23 -21.32 -37.90
C LYS B 489 -12.38 -20.07 -38.14
N ASP B 490 -12.64 -18.96 -37.43
CA ASP B 490 -11.96 -17.65 -37.59
C ASP B 490 -10.46 -17.90 -37.80
N PRO B 491 -9.82 -17.41 -38.89
CA PRO B 491 -8.38 -17.57 -39.02
C PRO B 491 -7.57 -16.68 -38.06
N GLU B 492 -8.08 -15.54 -37.55
CA GLU B 492 -7.30 -14.66 -36.63
C GLU B 492 -7.10 -15.37 -35.29
N PHE B 493 -8.11 -16.14 -34.86
CA PHE B 493 -8.12 -16.95 -33.62
C PHE B 493 -7.32 -18.26 -33.85
N GLN B 494 -7.30 -18.76 -35.08
CA GLN B 494 -6.34 -19.83 -35.48
C GLN B 494 -4.90 -19.29 -35.32
N ASN B 495 -4.64 -18.04 -35.72
CA ASN B 495 -3.29 -17.41 -35.71
C ASN B 495 -2.85 -17.23 -34.26
N ILE B 496 -3.72 -16.63 -33.45
CA ILE B 496 -3.54 -16.53 -31.97
C ILE B 496 -3.20 -17.91 -31.37
N MET B 497 -3.97 -18.97 -31.65
CA MET B 497 -3.79 -20.29 -30.99
C MET B 497 -2.51 -21.00 -31.50
N LYS B 498 -1.99 -20.60 -32.68
CA LYS B 498 -0.65 -21.00 -33.21
C LYS B 498 0.46 -20.23 -32.49
N ASP B 499 0.37 -18.89 -32.41
CA ASP B 499 1.25 -18.04 -31.56
C ASP B 499 1.48 -18.66 -30.17
N ILE B 500 0.42 -19.18 -29.54
CA ILE B 500 0.44 -19.76 -28.16
C ILE B 500 1.31 -21.02 -28.14
N ALA B 501 1.06 -21.99 -29.02
CA ALA B 501 1.86 -23.22 -29.18
C ALA B 501 3.35 -22.88 -29.35
N ARG B 502 3.66 -21.78 -30.06
CA ARG B 502 5.05 -21.30 -30.25
C ARG B 502 5.60 -20.75 -28.94
N PHE B 503 5.08 -19.60 -28.47
CA PHE B 503 5.47 -18.97 -27.18
C PHE B 503 5.77 -20.06 -26.15
N ASN B 504 4.93 -21.10 -26.12
CA ASN B 504 4.95 -22.27 -25.18
C ASN B 504 6.20 -23.12 -25.41
N ALA B 505 6.24 -23.87 -26.52
CA ALA B 505 7.31 -24.82 -26.88
C ALA B 505 8.71 -24.18 -26.76
N MET B 506 8.85 -22.85 -26.86
CA MET B 506 10.15 -22.12 -26.76
C MET B 506 10.18 -21.28 -25.46
N LYS B 507 9.92 -21.92 -24.32
CA LYS B 507 10.03 -21.29 -22.97
C LYS B 507 11.21 -21.86 -22.18
N ASP B 508 11.82 -22.97 -22.58
CA ASP B 508 13.09 -23.45 -21.92
C ASP B 508 14.19 -22.45 -22.28
N LYS B 509 14.55 -22.43 -23.56
CA LYS B 509 15.55 -21.48 -24.14
C LYS B 509 15.08 -20.04 -23.90
N ARG B 510 14.06 -19.81 -23.05
CA ARG B 510 13.39 -18.49 -22.93
C ARG B 510 14.45 -17.40 -22.70
N ASN B 511 15.35 -17.58 -21.74
CA ASN B 511 16.39 -16.56 -21.41
C ASN B 511 17.79 -17.09 -21.74
N ILE B 512 17.98 -17.61 -22.96
CA ILE B 512 19.27 -18.17 -23.46
C ILE B 512 19.42 -17.78 -24.95
N VAL B 513 20.00 -16.59 -25.21
CA VAL B 513 20.17 -15.96 -26.55
C VAL B 513 21.45 -16.47 -27.23
N SER B 514 21.39 -16.97 -28.46
CA SER B 514 22.59 -17.35 -29.27
C SER B 514 23.48 -16.14 -29.53
N LEU B 515 24.80 -16.33 -29.45
CA LEU B 515 25.81 -15.26 -29.73
C LEU B 515 26.48 -15.52 -31.10
N ASN B 516 25.84 -16.37 -31.93
CA ASN B 516 26.30 -16.72 -33.31
C ASN B 516 25.51 -15.87 -34.34
N TYR B 517 26.19 -14.99 -35.09
CA TYR B 517 25.55 -14.00 -36.02
C TYR B 517 24.67 -14.71 -37.04
N ALA B 518 25.17 -15.79 -37.64
CA ALA B 518 24.44 -16.63 -38.62
C ALA B 518 23.07 -17.01 -38.04
N VAL B 519 23.06 -17.63 -36.85
CA VAL B 519 21.84 -18.26 -36.23
C VAL B 519 20.85 -17.13 -35.88
N ARG B 520 21.36 -15.96 -35.47
CA ARG B 520 20.62 -14.72 -35.08
C ARG B 520 20.25 -13.86 -36.31
N GLU B 521 20.83 -14.14 -37.49
CA GLU B 521 20.39 -13.56 -38.79
C GLU B 521 19.20 -14.39 -39.29
N LYS B 522 19.34 -15.72 -39.23
CA LYS B 522 18.34 -16.72 -39.67
C LYS B 522 17.09 -16.64 -38.80
N GLU B 523 17.25 -16.54 -37.48
CA GLU B 523 16.12 -16.35 -36.52
C GLU B 523 15.27 -15.14 -36.92
N ASN B 524 15.88 -14.02 -37.28
CA ASN B 524 15.18 -12.76 -37.65
C ASN B 524 14.44 -12.88 -38.98
N ASN B 525 15.09 -13.51 -39.96
CA ASN B 525 14.51 -13.80 -41.30
C ASN B 525 13.27 -14.69 -41.17
N GLU B 526 13.31 -15.74 -40.35
CA GLU B 526 12.14 -16.65 -40.12
C GLU B 526 11.02 -15.94 -39.35
N ASP B 527 11.34 -14.98 -38.49
CA ASP B 527 10.33 -14.15 -37.79
C ASP B 527 9.71 -13.21 -38.81
N ASP B 528 10.53 -12.48 -39.57
CA ASP B 528 10.09 -11.56 -40.65
C ASP B 528 9.25 -12.31 -41.70
N ALA B 529 9.68 -13.49 -42.14
CA ALA B 529 9.00 -14.34 -43.13
C ALA B 529 7.63 -14.80 -42.62
N THR B 530 7.52 -15.30 -41.38
CA THR B 530 6.24 -15.79 -40.79
C THR B 530 5.27 -14.60 -40.63
N ARG B 531 5.79 -13.40 -40.37
CA ARG B 531 4.99 -12.16 -40.21
C ARG B 531 4.40 -11.78 -41.58
N LEU B 532 5.25 -11.66 -42.62
CA LEU B 532 4.84 -11.34 -44.02
C LEU B 532 3.76 -12.32 -44.49
N ALA B 533 3.93 -13.63 -44.21
CA ALA B 533 2.96 -14.70 -44.58
C ALA B 533 1.62 -14.48 -43.86
N ARG B 534 1.63 -14.20 -42.58
CA ARG B 534 0.41 -13.84 -41.82
C ARG B 534 -0.28 -12.65 -42.47
N LEU B 535 0.42 -11.51 -42.59
CA LEU B 535 -0.11 -10.28 -43.23
C LEU B 535 -0.69 -10.57 -44.62
N ASN B 536 -0.03 -11.39 -45.44
CA ASN B 536 -0.49 -11.77 -46.81
C ASN B 536 -1.68 -12.76 -46.79
N GLU B 537 -1.66 -13.83 -45.96
CA GLU B 537 -2.82 -14.72 -45.69
C GLU B 537 -4.04 -13.83 -45.45
N ARG B 538 -3.83 -12.71 -44.77
CA ARG B 538 -4.90 -11.77 -44.30
C ARG B 538 -5.38 -10.97 -45.51
N PHE B 539 -4.45 -10.39 -46.27
CA PHE B 539 -4.75 -9.42 -47.36
C PHE B 539 -5.52 -10.11 -48.51
N LYS B 540 -5.28 -11.39 -48.75
CA LYS B 540 -6.01 -12.20 -49.77
C LYS B 540 -7.40 -12.61 -49.25
N ARG B 541 -7.56 -12.90 -47.97
CA ARG B 541 -8.92 -13.00 -47.36
C ARG B 541 -9.69 -11.71 -47.65
N GLU B 542 -9.04 -10.54 -47.57
CA GLU B 542 -9.68 -9.18 -47.50
C GLU B 542 -9.80 -8.53 -48.89
N GLY B 543 -9.18 -9.11 -49.92
CA GLY B 543 -9.20 -8.56 -51.29
C GLY B 543 -8.25 -7.40 -51.42
N LYS B 544 -7.32 -7.27 -50.46
CA LYS B 544 -6.21 -6.27 -50.50
C LYS B 544 -5.05 -6.84 -51.33
N PRO B 545 -4.25 -5.96 -51.98
CA PRO B 545 -2.95 -6.34 -52.53
C PRO B 545 -2.04 -6.93 -51.45
N GLU B 546 -1.31 -8.01 -51.81
CA GLU B 546 -0.27 -8.70 -51.00
C GLU B 546 0.97 -7.80 -50.98
N LEU B 547 1.85 -7.92 -49.98
CA LEU B 547 3.09 -7.11 -49.85
C LEU B 547 4.26 -7.92 -50.40
N LYS B 548 5.10 -7.26 -51.21
CA LYS B 548 6.29 -7.90 -51.84
C LYS B 548 7.33 -8.13 -50.73
N LYS B 549 7.33 -7.29 -49.69
CA LYS B 549 8.27 -7.36 -48.55
C LYS B 549 7.67 -6.65 -47.33
N LEU B 550 8.13 -7.06 -46.15
CA LEU B 550 7.60 -6.59 -44.84
C LEU B 550 7.72 -5.06 -44.71
N ASP B 551 8.70 -4.45 -45.39
CA ASP B 551 9.09 -3.02 -45.27
C ASP B 551 8.03 -2.09 -45.88
N ASP B 552 7.15 -2.60 -46.75
CA ASP B 552 6.15 -1.79 -47.50
C ASP B 552 4.99 -1.43 -46.57
N LEU B 553 4.75 -2.25 -45.55
CA LEU B 553 3.60 -2.08 -44.62
C LEU B 553 3.61 -0.66 -44.09
N PRO B 554 2.54 0.15 -44.27
CA PRO B 554 2.46 1.48 -43.66
C PRO B 554 2.94 1.47 -42.20
N LYS B 555 3.57 2.55 -41.73
CA LYS B 555 4.06 2.68 -40.32
C LYS B 555 2.86 2.62 -39.35
N ASP B 556 1.68 3.05 -39.83
CA ASP B 556 0.45 3.31 -39.04
C ASP B 556 -0.63 2.25 -39.35
N TYR B 557 -0.23 1.08 -39.87
CA TYR B 557 -1.16 -0.05 -40.14
C TYR B 557 -1.83 -0.39 -38.81
N GLN B 558 -3.15 -0.62 -38.84
CA GLN B 558 -3.94 -1.04 -37.66
C GLN B 558 -4.18 -2.55 -37.77
N GLU B 559 -3.74 -3.33 -36.76
CA GLU B 559 -4.04 -4.78 -36.64
C GLU B 559 -5.54 -4.93 -36.42
N PRO B 560 -6.14 -6.11 -36.69
CA PRO B 560 -7.53 -6.36 -36.30
C PRO B 560 -7.58 -6.60 -34.79
N ASP B 561 -8.75 -6.42 -34.19
CA ASP B 561 -9.01 -6.64 -32.75
C ASP B 561 -9.90 -7.88 -32.62
N PRO B 562 -9.38 -9.09 -32.90
CA PRO B 562 -10.23 -10.28 -32.86
C PRO B 562 -11.01 -10.46 -31.56
N TYR B 563 -10.43 -10.08 -30.41
CA TYR B 563 -11.08 -10.23 -29.08
C TYR B 563 -12.32 -9.35 -29.02
N LEU B 564 -12.21 -8.04 -29.31
CA LEU B 564 -13.39 -7.13 -29.40
C LEU B 564 -14.42 -7.71 -30.39
N ASP B 565 -13.99 -8.08 -31.61
CA ASP B 565 -14.90 -8.53 -32.70
C ASP B 565 -15.68 -9.77 -32.24
N GLU B 566 -15.05 -10.75 -31.59
CA GLU B 566 -15.76 -11.96 -31.07
C GLU B 566 -16.69 -11.61 -29.88
N THR B 567 -16.39 -10.60 -29.08
CA THR B 567 -17.21 -10.20 -27.88
C THR B 567 -18.48 -9.51 -28.40
N VAL B 568 -18.37 -8.75 -29.50
CA VAL B 568 -19.56 -8.10 -30.12
C VAL B 568 -20.57 -9.22 -30.41
N ASN B 569 -20.11 -10.33 -30.97
CA ASN B 569 -20.99 -11.51 -31.23
C ASN B 569 -21.54 -12.02 -29.89
N ILE B 570 -20.69 -12.17 -28.86
CA ILE B 570 -21.16 -12.73 -27.56
C ILE B 570 -22.31 -11.82 -27.10
N ALA B 571 -22.10 -10.50 -27.16
CA ALA B 571 -23.07 -9.48 -26.70
C ALA B 571 -24.43 -9.69 -27.39
N LEU B 572 -24.42 -9.91 -28.71
CA LEU B 572 -25.67 -10.13 -29.49
C LEU B 572 -26.28 -11.46 -29.09
N ASP B 573 -25.50 -12.54 -29.01
CA ASP B 573 -26.02 -13.86 -28.55
C ASP B 573 -26.79 -13.70 -27.24
N LEU B 574 -26.27 -12.90 -26.29
CA LEU B 574 -26.86 -12.64 -24.95
C LEU B 574 -28.22 -11.93 -25.11
N ALA B 575 -28.25 -10.84 -25.90
CA ALA B 575 -29.45 -10.06 -26.24
C ALA B 575 -30.51 -11.02 -26.80
N LYS B 576 -30.13 -11.91 -27.71
CA LYS B 576 -31.07 -12.89 -28.33
C LYS B 576 -31.73 -13.72 -27.23
N LEU B 577 -30.96 -14.21 -26.25
CA LEU B 577 -31.41 -15.19 -25.24
C LEU B 577 -32.30 -14.57 -24.14
N GLU B 578 -32.44 -13.23 -24.00
CA GLU B 578 -33.29 -12.53 -22.98
C GLU B 578 -34.60 -12.02 -23.63
#